data_5ON4
#
_entry.id   5ON4
#
_cell.length_a   86.690
_cell.length_b   94.121
_cell.length_c   129.545
_cell.angle_alpha   90.00
_cell.angle_beta   90.00
_cell.angle_gamma   90.00
#
_symmetry.space_group_name_H-M   'P 21 21 21'
#
loop_
_entity.id
_entity.type
_entity.pdbx_description
1 polymer 'Nickel-binding periplasmic protein'
2 non-polymer 'FE (III) ION'
3 non-polymer '2-[2-[[2,3-bis(oxidanyl)phenyl]methyl-(2-hydroxy-2-oxoethyl)amino]ethyl-[(2-methylsulfanylphenyl)methyl]amino]ethanoic acid'
4 non-polymer GLYCEROL
5 water water
#
_entity_poly.entity_id   1
_entity_poly.type   'polypeptide(L)'
_entity_poly.pdbx_seq_one_letter_code
;AAPDEITTAWPVNVGPLNPHLYTPNQMFAQSMVYEPLVKYQADGSVIPWLAKSWTHSEDGKTWTFTLRDDVKFSNGEPFD
AEAAAENFRAVLDNRQRHAWLELANQIVDVKALSKTELQITLKSAYYPFLQELALPRPFRFIAPSQFKNHETMNGIKAPI
GTGPWILQESKLNQYDVFVRNENYWGEKPAIKKITFNVIPDPTTRAVAFETGDIDLLYGNEGLLPLDTFARFSQNPAYHT
QLSQPIETVMLALNTAKAPTNELAVREALNYAVNKKSLIDNALYGTQQVADTLFAPSVPYANLGLKPSQYDPQKAKALLE
KAGWTLPAGKDIREKNGQPLRIELSFIGTDALSKSMAEIIQADMRQIGADVSLIGEEESSIYARQRDGRFGMIFHRTWGA
PYDPHAFLSSMRVPSHADFQAQQGLADKPLIDKEIGEVLATHDETQRQALYRDILTRLHDEAVYLPISYISMMVVSKPEL
GNIPYAPIATEIPFEQIKPVKP
;
_entity_poly.pdbx_strand_id   A,B
#
loop_
_chem_comp.id
_chem_comp.type
_chem_comp.name
_chem_comp.formula
9YK non-polymer '2-[2-[[2,3-bis(oxidanyl)phenyl]methyl-(2-hydroxy-2-oxoethyl)amino]ethyl-[(2-methylsulfanylphenyl)methyl]amino]ethanoic acid' 'C21 H26 N2 O6 S'
FE non-polymer 'FE (III) ION' 'Fe 3'
GOL non-polymer GLYCEROL 'C3 H8 O3'
#
# COMPACT_ATOMS: atom_id res chain seq x y z
N ALA A 2 11.80 30.42 -9.27
CA ALA A 2 11.45 30.20 -7.88
C ALA A 2 11.24 28.72 -7.58
N PRO A 3 12.34 27.97 -7.44
CA PRO A 3 12.29 26.52 -7.18
C PRO A 3 11.57 26.16 -5.88
N ASP A 4 11.77 26.98 -4.85
CA ASP A 4 11.16 26.72 -3.54
C ASP A 4 9.67 27.06 -3.52
N GLU A 5 9.15 27.47 -4.68
CA GLU A 5 7.72 27.74 -4.84
C GLU A 5 7.13 26.84 -5.92
N ILE A 6 5.92 26.36 -5.71
CA ILE A 6 5.24 25.55 -6.70
C ILE A 6 3.82 26.05 -6.99
N THR A 7 3.30 25.70 -8.16
CA THR A 7 1.94 26.04 -8.50
C THR A 7 1.20 24.77 -8.91
N THR A 8 -0.01 24.60 -8.39
CA THR A 8 -0.85 23.46 -8.71
C THR A 8 -2.27 23.93 -8.99
N ALA A 9 -3.23 22.99 -8.99
CA ALA A 9 -4.59 23.35 -9.34
C ALA A 9 -5.64 22.56 -8.56
N TRP A 10 -6.83 23.16 -8.45
CA TRP A 10 -7.97 22.52 -7.82
C TRP A 10 -9.24 23.06 -8.47
N PRO A 11 -10.29 22.23 -8.58
CA PRO A 11 -11.54 22.68 -9.21
C PRO A 11 -12.16 23.89 -8.51
N VAL A 12 -12.25 23.86 -7.19
CA VAL A 12 -12.84 24.96 -6.43
C VAL A 12 -11.80 25.66 -5.56
N ASN A 13 -12.22 26.70 -4.85
CA ASN A 13 -11.38 27.35 -3.85
C ASN A 13 -11.32 26.52 -2.59
N VAL A 14 -10.33 26.77 -1.75
CA VAL A 14 -10.14 26.00 -0.52
C VAL A 14 -11.25 26.26 0.49
N GLY A 15 -11.92 27.39 0.36
CA GLY A 15 -12.99 27.76 1.28
C GLY A 15 -12.52 28.68 2.39
N PRO A 16 -13.36 28.88 3.41
CA PRO A 16 -13.02 29.73 4.56
C PRO A 16 -12.05 29.03 5.52
N LEU A 17 -11.84 27.74 5.28
CA LEU A 17 -11.01 26.91 6.15
C LEU A 17 -11.50 26.93 7.60
N ASN A 18 -12.76 26.55 7.76
CA ASN A 18 -13.33 26.31 9.08
C ASN A 18 -13.08 24.85 9.45
N PRO A 19 -12.29 24.63 10.51
CA PRO A 19 -11.83 23.27 10.86
C PRO A 19 -12.97 22.36 11.31
N HIS A 20 -14.07 22.94 11.74
CA HIS A 20 -15.13 22.15 12.36
C HIS A 20 -16.32 22.00 11.42
N LEU A 21 -16.16 22.50 10.20
CA LEU A 21 -17.23 22.44 9.19
C LEU A 21 -16.78 21.71 7.93
N TYR A 22 -17.74 21.41 7.07
CA TYR A 22 -17.49 20.60 5.89
C TYR A 22 -17.49 21.47 4.64
N THR A 23 -18.09 20.98 3.55
CA THR A 23 -18.15 21.75 2.31
C THR A 23 -18.76 23.13 2.58
N PRO A 24 -18.21 24.18 1.95
CA PRO A 24 -17.21 24.21 0.88
C PRO A 24 -15.75 24.01 1.31
N ASN A 25 -15.48 23.80 2.59
CA ASN A 25 -14.10 23.62 3.04
C ASN A 25 -13.45 22.40 2.38
N GLN A 26 -12.23 22.59 1.87
CA GLN A 26 -11.51 21.50 1.23
C GLN A 26 -10.61 20.79 2.25
N MET A 27 -10.80 19.48 2.39
CA MET A 27 -10.12 18.68 3.40
C MET A 27 -8.61 18.76 3.30
N PHE A 28 -8.07 18.75 2.08
CA PHE A 28 -6.63 18.80 1.91
C PHE A 28 -6.09 20.11 2.47
N ALA A 29 -6.86 21.19 2.30
CA ALA A 29 -6.43 22.51 2.75
C ALA A 29 -6.55 22.64 4.25
N GLN A 30 -7.56 22.02 4.83
CA GLN A 30 -7.76 22.04 6.28
C GLN A 30 -6.67 21.26 6.99
N SER A 31 -6.17 20.21 6.35
CA SER A 31 -5.11 19.40 6.92
C SER A 31 -3.75 20.06 6.71
N MET A 32 -3.71 21.07 5.86
CA MET A 32 -2.49 21.85 5.66
C MET A 32 -2.30 22.85 6.78
N VAL A 33 -3.42 23.32 7.33
CA VAL A 33 -3.38 24.36 8.35
C VAL A 33 -3.64 23.82 9.76
N TYR A 34 -4.60 22.91 9.88
CA TYR A 34 -4.97 22.39 11.18
C TYR A 34 -4.37 21.00 11.43
N GLU A 35 -4.09 20.71 12.70
CA GLU A 35 -3.45 19.45 13.08
C GLU A 35 -4.26 18.69 14.12
N PRO A 36 -4.12 17.36 14.15
CA PRO A 36 -4.84 16.51 15.11
C PRO A 36 -4.03 16.24 16.38
N LEU A 37 -4.67 15.64 17.37
CA LEU A 37 -3.97 15.21 18.58
C LEU A 37 -3.05 14.04 18.27
N VAL A 38 -3.50 13.18 17.36
CA VAL A 38 -2.73 12.02 16.93
C VAL A 38 -2.71 11.94 15.40
N LYS A 39 -1.56 11.58 14.84
CA LYS A 39 -1.39 11.54 13.39
C LYS A 39 -1.56 10.13 12.83
N TYR A 40 -2.44 9.97 11.85
CA TYR A 40 -2.63 8.67 11.23
C TYR A 40 -1.43 8.31 10.37
N GLN A 41 -1.06 7.04 10.38
CA GLN A 41 0.08 6.55 9.61
C GLN A 41 -0.35 5.47 8.62
N ALA A 42 0.41 5.33 7.55
CA ALA A 42 0.17 4.26 6.57
C ALA A 42 0.32 2.90 7.26
N ASP A 43 1.05 2.89 8.37
CA ASP A 43 1.15 1.73 9.25
C ASP A 43 -0.21 1.21 9.67
N GLY A 44 -1.21 2.10 9.68
CA GLY A 44 -2.52 1.78 10.18
C GLY A 44 -2.63 2.26 11.61
N SER A 45 -1.48 2.61 12.18
CA SER A 45 -1.41 3.10 13.55
C SER A 45 -1.53 4.61 13.57
N VAL A 46 -1.70 5.16 14.78
CA VAL A 46 -1.59 6.60 14.96
C VAL A 46 -0.38 6.87 15.85
N ILE A 47 0.34 7.94 15.54
CA ILE A 47 1.49 8.33 16.34
C ILE A 47 1.15 9.61 17.08
N PRO A 48 1.89 9.90 18.16
CA PRO A 48 1.70 11.18 18.84
C PRO A 48 1.89 12.35 17.89
N TRP A 49 1.16 13.44 18.12
CA TRP A 49 1.34 14.65 17.36
C TRP A 49 1.29 15.85 18.29
N LEU A 50 0.12 16.49 18.39
CA LEU A 50 -0.07 17.56 19.35
C LEU A 50 -0.09 16.97 20.75
N ALA A 51 -0.71 15.80 20.88
CA ALA A 51 -0.64 15.02 22.12
C ALA A 51 0.57 14.10 22.06
N LYS A 52 1.55 14.37 22.90
CA LYS A 52 2.81 13.62 22.84
C LYS A 52 2.69 12.25 23.49
N SER A 53 1.66 12.06 24.31
CA SER A 53 1.39 10.76 24.91
C SER A 53 -0.03 10.72 25.48
N TRP A 54 -0.49 9.53 25.85
CA TRP A 54 -1.84 9.38 26.38
C TRP A 54 -2.03 8.09 27.18
N THR A 55 -2.89 8.17 28.20
CA THR A 55 -3.33 6.99 28.94
C THR A 55 -4.84 6.89 28.82
N HIS A 56 -5.38 5.70 29.11
CA HIS A 56 -6.83 5.53 29.16
C HIS A 56 -7.22 4.67 30.34
N SER A 57 -8.42 4.91 30.89
CA SER A 57 -8.91 4.12 32.01
C SER A 57 -9.14 2.67 31.58
N GLU A 58 -9.33 1.79 32.57
CA GLU A 58 -9.44 0.36 32.29
C GLU A 58 -10.70 0.01 31.51
N ASP A 59 -11.73 0.85 31.61
CA ASP A 59 -12.95 0.61 30.86
C ASP A 59 -12.93 1.37 29.54
N GLY A 60 -11.79 1.99 29.25
CA GLY A 60 -11.58 2.70 27.99
C GLY A 60 -12.57 3.82 27.74
N LYS A 61 -13.20 4.31 28.80
CA LYS A 61 -14.20 5.36 28.68
C LYS A 61 -13.62 6.74 29.00
N THR A 62 -12.49 6.75 29.68
CA THR A 62 -11.83 8.00 30.03
C THR A 62 -10.42 8.02 29.47
N TRP A 63 -10.09 9.08 28.75
CA TRP A 63 -8.77 9.21 28.13
C TRP A 63 -8.10 10.51 28.57
N THR A 64 -6.82 10.41 28.94
CA THR A 64 -6.07 11.58 29.34
C THR A 64 -4.88 11.79 28.42
N PHE A 65 -4.89 12.88 27.68
CA PHE A 65 -3.85 13.17 26.71
C PHE A 65 -2.83 14.16 27.25
N THR A 66 -1.56 13.80 27.17
CA THR A 66 -0.49 14.72 27.50
C THR A 66 -0.05 15.46 26.25
N LEU A 67 -0.37 16.75 26.19
CA LEU A 67 -0.07 17.56 25.02
C LEU A 67 1.34 18.12 25.07
N ARG A 68 1.88 18.51 23.92
CA ARG A 68 3.14 19.22 23.85
C ARG A 68 2.97 20.59 24.51
N ASP A 69 4.09 21.17 24.93
CA ASP A 69 4.04 22.48 25.59
C ASP A 69 4.75 23.54 24.76
N ASP A 70 5.23 23.16 23.58
CA ASP A 70 5.98 24.08 22.74
C ASP A 70 5.28 24.39 21.42
N VAL A 71 3.97 24.16 21.38
CA VAL A 71 3.20 24.39 20.17
C VAL A 71 2.44 25.71 20.22
N LYS A 72 2.70 26.57 19.25
CA LYS A 72 1.99 27.84 19.14
C LYS A 72 1.11 27.85 17.91
N PHE A 73 0.03 28.62 17.95
CA PHE A 73 -0.73 28.89 16.74
C PHE A 73 0.09 29.86 15.89
N SER A 74 -0.25 29.96 14.60
CA SER A 74 0.54 30.77 13.67
C SER A 74 0.56 32.24 14.05
N ASN A 75 -0.49 32.68 14.75
CA ASN A 75 -0.61 34.08 15.14
C ASN A 75 0.20 34.43 16.38
N GLY A 76 0.76 33.39 17.02
CA GLY A 76 1.58 33.59 18.20
C GLY A 76 0.96 33.02 19.46
N GLU A 77 -0.37 32.97 19.48
CA GLU A 77 -1.10 32.48 20.65
C GLU A 77 -0.79 31.01 20.90
N PRO A 78 -0.76 30.60 22.19
CA PRO A 78 -0.32 29.27 22.57
C PRO A 78 -1.36 28.18 22.36
N PHE A 79 -0.90 26.96 22.10
CA PHE A 79 -1.79 25.81 22.08
C PHE A 79 -1.66 25.04 23.39
N ASP A 80 -2.72 25.07 24.18
CA ASP A 80 -2.72 24.34 25.45
C ASP A 80 -4.01 23.54 25.61
N ALA A 81 -4.10 22.81 26.73
CA ALA A 81 -5.24 21.94 26.98
C ALA A 81 -6.58 22.69 27.02
N GLU A 82 -6.53 23.96 27.42
CA GLU A 82 -7.73 24.77 27.46
C GLU A 82 -8.20 25.12 26.05
N ALA A 83 -7.24 25.40 25.17
CA ALA A 83 -7.55 25.69 23.77
C ALA A 83 -8.17 24.46 23.10
N ALA A 84 -7.58 23.30 23.35
CA ALA A 84 -8.09 22.04 22.83
C ALA A 84 -9.52 21.80 23.29
N ALA A 85 -9.75 21.97 24.60
CA ALA A 85 -11.07 21.75 25.19
C ALA A 85 -12.14 22.65 24.57
N GLU A 86 -11.78 23.91 24.33
CA GLU A 86 -12.70 24.86 23.72
C GLU A 86 -13.08 24.42 22.30
N ASN A 87 -12.09 23.94 21.56
CA ASN A 87 -12.33 23.47 20.20
C ASN A 87 -13.30 22.29 20.17
N PHE A 88 -13.11 21.33 21.06
CA PHE A 88 -14.01 20.19 21.16
C PHE A 88 -15.41 20.63 21.59
N ARG A 89 -15.48 21.73 22.33
CA ARG A 89 -16.76 22.26 22.79
C ARG A 89 -17.48 22.97 21.65
N ALA A 90 -16.72 23.75 20.87
CA ALA A 90 -17.28 24.43 19.71
C ALA A 90 -17.85 23.40 18.72
N VAL A 91 -17.11 22.31 18.55
CA VAL A 91 -17.53 21.22 17.67
C VAL A 91 -18.80 20.54 18.19
N LEU A 92 -18.78 20.18 19.46
CA LEU A 92 -19.88 19.42 20.04
C LEU A 92 -21.14 20.26 20.29
N ASP A 93 -21.01 21.58 20.20
CA ASP A 93 -22.18 22.45 20.26
C ASP A 93 -22.94 22.37 18.94
N ASN A 94 -22.29 21.79 17.94
CA ASN A 94 -22.86 21.59 16.61
C ASN A 94 -23.00 20.09 16.35
N ARG A 95 -23.27 19.35 17.42
CA ARG A 95 -23.19 17.89 17.42
C ARG A 95 -24.04 17.18 16.36
N GLN A 96 -25.23 17.69 16.11
CA GLN A 96 -26.17 17.04 15.20
C GLN A 96 -25.61 16.88 13.79
N ARG A 97 -24.85 17.87 13.34
CA ARG A 97 -24.28 17.86 12.00
C ARG A 97 -23.21 16.78 11.84
N HIS A 98 -22.62 16.37 12.96
CA HIS A 98 -21.57 15.36 12.94
C HIS A 98 -22.11 13.97 13.24
N ALA A 99 -23.38 13.74 12.93
CA ALA A 99 -24.03 12.46 13.24
C ALA A 99 -23.40 11.29 12.46
N TRP A 100 -22.86 11.59 11.29
CA TRP A 100 -22.24 10.57 10.46
C TRP A 100 -21.04 9.96 11.17
N LEU A 101 -20.30 10.80 11.89
CA LEU A 101 -19.10 10.38 12.60
C LEU A 101 -19.42 10.05 14.06
N GLU A 102 -19.32 8.78 14.40
CA GLU A 102 -19.83 8.28 15.68
C GLU A 102 -19.13 8.85 16.92
N LEU A 103 -17.87 9.27 16.78
CA LEU A 103 -17.15 9.84 17.92
C LEU A 103 -17.85 11.08 18.46
N ALA A 104 -18.41 11.87 17.56
CA ALA A 104 -19.09 13.11 17.95
C ALA A 104 -20.35 12.81 18.76
N ASN A 105 -20.84 11.58 18.66
CA ASN A 105 -21.97 11.14 19.46
C ASN A 105 -21.49 10.42 20.72
N GLN A 106 -20.18 10.24 20.82
CA GLN A 106 -19.61 9.45 21.92
C GLN A 106 -19.03 10.30 23.05
N ILE A 107 -18.44 11.44 22.69
CA ILE A 107 -17.77 12.28 23.68
C ILE A 107 -18.77 12.93 24.63
N VAL A 108 -18.59 12.66 25.93
CA VAL A 108 -19.47 13.20 26.95
C VAL A 108 -18.88 14.49 27.53
N ASP A 109 -17.57 14.52 27.67
CA ASP A 109 -16.90 15.68 28.24
C ASP A 109 -15.45 15.81 27.80
N VAL A 110 -15.01 17.05 27.61
CA VAL A 110 -13.61 17.35 27.35
C VAL A 110 -13.19 18.50 28.25
N LYS A 111 -12.24 18.25 29.15
CA LYS A 111 -11.79 19.31 30.06
C LYS A 111 -10.28 19.32 30.24
N ALA A 112 -9.72 20.52 30.34
CA ALA A 112 -8.31 20.71 30.64
C ALA A 112 -8.03 20.48 32.12
N LEU A 113 -7.33 19.40 32.43
CA LEU A 113 -6.95 19.11 33.81
C LEU A 113 -5.85 20.07 34.26
N SER A 114 -4.98 20.42 33.33
CA SER A 114 -3.96 21.43 33.56
C SER A 114 -3.70 22.15 32.24
N LYS A 115 -2.53 22.74 32.10
CA LYS A 115 -2.17 23.42 30.86
C LYS A 115 -1.73 22.41 29.80
N THR A 116 -1.32 21.22 30.23
CA THR A 116 -0.83 20.20 29.32
C THR A 116 -1.56 18.86 29.47
N GLU A 117 -2.56 18.82 30.34
CA GLU A 117 -3.36 17.60 30.50
C GLU A 117 -4.79 17.81 29.99
N LEU A 118 -5.18 17.00 29.01
CA LEU A 118 -6.52 17.07 28.44
C LEU A 118 -7.26 15.75 28.66
N GLN A 119 -8.43 15.82 29.31
CA GLN A 119 -9.21 14.62 29.58
C GLN A 119 -10.47 14.55 28.72
N ILE A 120 -10.66 13.42 28.07
CA ILE A 120 -11.84 13.20 27.23
C ILE A 120 -12.63 12.00 27.71
N THR A 121 -13.92 12.19 27.94
CA THR A 121 -14.77 11.14 28.49
C THR A 121 -15.75 10.63 27.44
N LEU A 122 -15.97 9.31 27.43
CA LEU A 122 -16.76 8.68 26.38
C LEU A 122 -17.98 7.94 26.93
N LYS A 123 -19.03 7.89 26.12
CA LYS A 123 -20.22 7.12 26.44
C LYS A 123 -19.88 5.64 26.58
N SER A 124 -18.95 5.19 25.75
CA SER A 124 -18.53 3.79 25.76
C SER A 124 -17.10 3.65 25.26
N ALA A 125 -16.57 2.43 25.34
CA ALA A 125 -15.24 2.14 24.82
C ALA A 125 -15.25 2.17 23.30
N TYR A 126 -14.96 3.33 22.73
CA TYR A 126 -15.04 3.53 21.29
C TYR A 126 -13.72 3.15 20.61
N TYR A 127 -13.69 1.97 20.01
CA TYR A 127 -12.53 1.43 19.30
C TYR A 127 -11.85 2.43 18.33
N PRO A 128 -12.63 3.09 17.45
CA PRO A 128 -11.94 3.94 16.48
C PRO A 128 -11.60 5.34 16.99
N PHE A 129 -11.55 5.51 18.31
CA PHE A 129 -11.33 6.81 18.94
C PHE A 129 -10.15 7.59 18.37
N LEU A 130 -8.98 6.96 18.35
CA LEU A 130 -7.76 7.63 17.92
C LEU A 130 -7.73 7.85 16.41
N GLN A 131 -8.38 6.96 15.66
CA GLN A 131 -8.45 7.10 14.21
C GLN A 131 -9.29 8.30 13.80
N GLU A 132 -10.38 8.52 14.53
CA GLU A 132 -11.29 9.61 14.20
C GLU A 132 -10.80 10.93 14.79
N LEU A 133 -9.89 10.84 15.75
CA LEU A 133 -9.18 12.03 16.23
C LEU A 133 -8.15 12.47 15.19
N ALA A 134 -7.75 11.54 14.33
CA ALA A 134 -6.71 11.79 13.34
C ALA A 134 -7.26 12.33 12.02
N LEU A 135 -8.57 12.25 11.85
CA LEU A 135 -9.22 12.70 10.61
C LEU A 135 -8.97 14.19 10.36
N PRO A 136 -8.98 14.60 9.08
CA PRO A 136 -8.78 16.00 8.69
C PRO A 136 -9.76 16.95 9.37
N ARG A 137 -10.95 16.44 9.69
CA ARG A 137 -11.99 17.24 10.32
C ARG A 137 -12.98 16.30 11.00
N PRO A 138 -13.72 16.80 12.01
CA PRO A 138 -13.71 18.17 12.54
C PRO A 138 -12.77 18.39 13.73
N PHE A 139 -12.22 17.31 14.28
CA PHE A 139 -11.48 17.41 15.54
C PHE A 139 -10.05 17.91 15.38
N ARG A 140 -9.91 19.07 14.73
CA ARG A 140 -8.63 19.76 14.65
C ARG A 140 -8.79 21.16 15.23
N PHE A 141 -7.67 21.87 15.41
CA PHE A 141 -7.66 23.02 16.31
C PHE A 141 -7.34 24.36 15.68
N ILE A 142 -8.26 25.30 15.87
CA ILE A 142 -8.05 26.70 15.51
C ILE A 142 -7.87 27.52 16.80
N ALA A 143 -7.15 28.63 16.70
CA ALA A 143 -6.96 29.51 17.84
C ALA A 143 -8.30 30.03 18.34
N PRO A 144 -8.63 29.77 19.61
CA PRO A 144 -9.92 30.11 20.23
C PRO A 144 -10.29 31.58 20.05
N SER A 145 -9.28 32.43 19.88
CA SER A 145 -9.51 33.84 19.60
C SER A 145 -10.29 34.04 18.30
N GLN A 146 -10.03 33.17 17.34
CA GLN A 146 -10.64 33.31 16.01
C GLN A 146 -12.07 32.78 15.97
N PHE A 147 -12.61 32.43 17.13
CA PHE A 147 -14.01 32.05 17.24
C PHE A 147 -14.91 33.24 16.90
N LYS A 148 -16.17 32.96 16.59
CA LYS A 148 -17.17 34.02 16.46
C LYS A 148 -18.27 33.76 17.49
N ASN A 149 -18.57 34.78 18.28
CA ASN A 149 -19.42 34.71 19.48
C ASN A 149 -19.19 33.45 20.35
N HIS A 150 -17.94 33.02 20.40
CA HIS A 150 -17.49 31.86 21.17
C HIS A 150 -18.07 30.55 20.63
N GLU A 151 -18.29 30.52 19.32
CA GLU A 151 -18.68 29.30 18.63
CA GLU A 151 -18.69 29.31 18.62
C GLU A 151 -17.92 29.23 17.30
N THR A 152 -18.07 28.12 16.58
CA THR A 152 -17.45 27.98 15.26
C THR A 152 -18.48 27.58 14.23
N MET A 153 -19.62 27.09 14.72
CA MET A 153 -20.70 26.62 13.86
C MET A 153 -21.30 27.73 13.01
N ASN A 154 -21.10 28.98 13.44
CA ASN A 154 -21.65 30.13 12.74
C ASN A 154 -20.57 30.88 11.96
N GLY A 155 -19.38 30.31 11.93
CA GLY A 155 -18.28 30.90 11.19
C GLY A 155 -17.08 31.21 12.08
N ILE A 156 -15.96 31.52 11.44
CA ILE A 156 -14.75 31.90 12.15
C ILE A 156 -14.23 33.22 11.60
N LYS A 157 -13.13 33.71 12.16
CA LYS A 157 -12.56 34.97 11.68
C LYS A 157 -11.35 34.71 10.78
N ALA A 158 -10.21 34.41 11.39
CA ALA A 158 -9.03 34.01 10.62
C ALA A 158 -8.75 32.53 10.83
N PRO A 159 -8.44 31.81 9.75
CA PRO A 159 -8.11 30.38 9.84
C PRO A 159 -6.73 30.15 10.43
N ILE A 160 -6.58 30.42 11.72
CA ILE A 160 -5.29 30.32 12.38
C ILE A 160 -5.06 28.96 13.02
N GLY A 161 -4.15 28.18 12.45
CA GLY A 161 -3.88 26.83 12.94
C GLY A 161 -2.45 26.65 13.42
N THR A 162 -2.14 25.42 13.80
CA THR A 162 -0.81 25.08 14.29
C THR A 162 0.05 24.45 13.19
N GLY A 163 -0.58 24.11 12.07
CA GLY A 163 0.07 23.41 10.98
C GLY A 163 1.21 24.15 10.30
N PRO A 164 1.90 23.47 9.38
CA PRO A 164 3.06 24.01 8.67
C PRO A 164 2.72 24.93 7.50
N TRP A 165 1.44 25.24 7.31
CA TRP A 165 1.03 26.13 6.21
C TRP A 165 0.06 27.20 6.69
N ILE A 166 0.13 28.38 6.07
CA ILE A 166 -0.75 29.49 6.42
C ILE A 166 -1.39 30.09 5.18
N LEU A 167 -2.72 30.21 5.20
CA LEU A 167 -3.45 30.81 4.08
C LEU A 167 -3.15 32.32 4.02
N GLN A 168 -2.62 32.76 2.89
CA GLN A 168 -2.16 34.14 2.75
C GLN A 168 -3.09 35.00 1.87
N GLU A 169 -3.67 34.38 0.85
CA GLU A 169 -4.55 35.10 -0.07
C GLU A 169 -5.57 34.15 -0.69
N SER A 170 -6.76 34.66 -0.99
N SER A 170 -6.75 34.65 -1.00
CA SER A 170 -7.82 33.84 -1.56
CA SER A 170 -7.80 33.83 -1.57
C SER A 170 -8.77 34.66 -2.43
C SER A 170 -8.78 34.64 -2.43
N LYS A 171 -8.45 34.79 -3.71
CA LYS A 171 -9.34 35.47 -4.65
C LYS A 171 -10.22 34.44 -5.35
N LEU A 172 -11.53 34.61 -5.17
CA LEU A 172 -12.52 33.63 -5.60
C LEU A 172 -12.48 33.34 -7.09
N ASN A 173 -12.69 32.07 -7.43
CA ASN A 173 -12.70 31.60 -8.82
C ASN A 173 -11.41 31.83 -9.59
N GLN A 174 -10.33 32.14 -8.88
CA GLN A 174 -9.05 32.36 -9.54
C GLN A 174 -7.91 31.62 -8.84
N TYR A 175 -7.67 31.90 -7.55
CA TYR A 175 -6.60 31.20 -6.84
C TYR A 175 -6.62 31.31 -5.32
N ASP A 176 -5.85 30.41 -4.69
CA ASP A 176 -5.57 30.45 -3.26
C ASP A 176 -4.05 30.34 -3.05
N VAL A 177 -3.52 31.13 -2.13
CA VAL A 177 -2.08 31.12 -1.90
C VAL A 177 -1.71 30.74 -0.46
N PHE A 178 -0.89 29.71 -0.33
CA PHE A 178 -0.41 29.26 0.97
C PHE A 178 1.07 29.57 1.15
N VAL A 179 1.48 29.85 2.38
CA VAL A 179 2.88 30.07 2.70
C VAL A 179 3.31 29.22 3.89
N ARG A 180 4.60 29.00 4.02
CA ARG A 180 5.14 28.15 5.07
C ARG A 180 5.11 28.83 6.44
N ASN A 181 4.47 28.17 7.40
CA ASN A 181 4.50 28.63 8.78
C ASN A 181 5.94 28.60 9.29
N GLU A 182 6.57 29.76 9.30
CA GLU A 182 8.00 29.86 9.64
C GLU A 182 8.25 29.53 11.11
N ASN A 183 7.20 29.57 11.92
CA ASN A 183 7.31 29.21 13.32
C ASN A 183 6.60 27.89 13.61
N TYR A 184 6.68 26.97 12.66
CA TYR A 184 6.07 25.65 12.83
C TYR A 184 6.87 24.81 13.82
N TRP A 185 6.17 24.12 14.70
CA TRP A 185 6.80 23.37 15.79
C TRP A 185 7.53 22.12 15.28
N GLY A 186 6.96 21.49 14.26
CA GLY A 186 7.57 20.30 13.67
C GLY A 186 8.70 20.68 12.74
N GLU A 187 8.99 19.82 11.76
CA GLU A 187 10.05 20.08 10.81
C GLU A 187 9.58 21.01 9.70
N LYS A 188 10.50 21.81 9.18
CA LYS A 188 10.19 22.78 8.14
C LYS A 188 10.03 22.12 6.77
N PRO A 189 8.96 22.48 6.05
CA PRO A 189 8.81 22.08 4.64
C PRO A 189 9.85 22.75 3.77
N ALA A 190 10.36 22.04 2.76
CA ALA A 190 11.34 22.61 1.84
C ALA A 190 10.69 23.69 0.98
N ILE A 191 9.42 23.47 0.63
CA ILE A 191 8.65 24.45 -0.12
C ILE A 191 8.20 25.56 0.81
N LYS A 192 8.20 26.80 0.32
CA LYS A 192 7.75 27.93 1.14
C LYS A 192 6.39 28.43 0.69
N LYS A 193 6.19 28.54 -0.62
CA LYS A 193 4.94 29.09 -1.16
C LYS A 193 4.22 28.10 -2.07
N ILE A 194 2.90 28.00 -1.91
CA ILE A 194 2.08 27.13 -2.75
C ILE A 194 0.88 27.88 -3.30
N THR A 195 0.70 27.82 -4.62
CA THR A 195 -0.39 28.52 -5.29
C THR A 195 -1.38 27.54 -5.91
N PHE A 196 -2.65 27.65 -5.52
CA PHE A 196 -3.69 26.79 -6.07
C PHE A 196 -4.55 27.50 -7.12
N ASN A 197 -4.26 27.24 -8.39
CA ASN A 197 -5.08 27.79 -9.47
C ASN A 197 -6.44 27.11 -9.53
N VAL A 198 -7.51 27.90 -9.55
CA VAL A 198 -8.86 27.36 -9.59
C VAL A 198 -9.25 26.97 -11.02
N ILE A 199 -9.24 25.68 -11.31
CA ILE A 199 -9.57 25.18 -12.64
C ILE A 199 -10.57 24.03 -12.55
N PRO A 200 -11.85 24.33 -12.81
CA PRO A 200 -12.98 23.41 -12.62
C PRO A 200 -13.02 22.24 -13.59
N ASP A 201 -12.44 22.38 -14.78
CA ASP A 201 -12.55 21.36 -15.82
C ASP A 201 -11.29 20.50 -15.93
N PRO A 202 -11.48 19.17 -15.91
CA PRO A 202 -10.40 18.17 -16.01
C PRO A 202 -9.50 18.36 -17.23
N THR A 203 -10.10 18.58 -18.39
CA THR A 203 -9.34 18.81 -19.62
C THR A 203 -8.51 20.08 -19.50
N THR A 204 -9.12 21.12 -18.95
CA THR A 204 -8.44 22.41 -18.80
C THR A 204 -7.27 22.31 -17.83
N ARG A 205 -7.37 21.40 -16.86
CA ARG A 205 -6.27 21.15 -15.94
C ARG A 205 -5.11 20.48 -16.66
N ALA A 206 -5.44 19.49 -17.49
CA ALA A 206 -4.45 18.80 -18.30
C ALA A 206 -3.73 19.78 -19.22
N VAL A 207 -4.51 20.64 -19.87
CA VAL A 207 -3.97 21.68 -20.73
C VAL A 207 -3.09 22.64 -19.92
N ALA A 208 -3.53 22.94 -18.70
CA ALA A 208 -2.78 23.80 -17.81
C ALA A 208 -1.38 23.23 -17.49
N PHE A 209 -1.32 21.92 -17.31
CA PHE A 209 -0.04 21.28 -16.98
C PHE A 209 0.91 21.26 -18.17
N GLU A 210 0.41 20.86 -19.34
CA GLU A 210 1.24 20.72 -20.54
C GLU A 210 1.93 22.02 -20.92
N THR A 211 1.23 23.14 -20.70
CA THR A 211 1.81 24.46 -20.99
C THR A 211 2.77 24.88 -19.89
N GLY A 212 2.87 24.09 -18.83
CA GLY A 212 3.80 24.34 -17.75
C GLY A 212 3.37 25.45 -16.82
N ASP A 213 2.08 25.80 -16.86
CA ASP A 213 1.55 26.83 -15.98
C ASP A 213 1.48 26.34 -14.54
N ILE A 214 1.21 25.05 -14.38
CA ILE A 214 1.24 24.43 -13.06
C ILE A 214 2.29 23.32 -13.03
N ASP A 215 2.77 23.00 -11.83
CA ASP A 215 3.88 22.07 -11.69
C ASP A 215 3.43 20.71 -11.15
N LEU A 216 2.20 20.63 -10.66
CA LEU A 216 1.75 19.44 -9.96
C LEU A 216 0.24 19.24 -10.02
N LEU A 217 -0.16 17.99 -10.27
CA LEU A 217 -1.55 17.58 -10.12
C LEU A 217 -1.59 16.32 -9.25
N TYR A 218 -2.44 16.35 -8.23
CA TYR A 218 -2.48 15.28 -7.23
C TYR A 218 -3.93 15.02 -6.84
N GLY A 219 -4.46 13.89 -7.28
CA GLY A 219 -5.86 13.56 -7.03
C GLY A 219 -6.24 12.14 -7.40
N ASN A 220 -7.54 11.83 -7.33
CA ASN A 220 -8.03 10.50 -7.66
C ASN A 220 -8.21 10.30 -9.16
N GLU A 221 -9.05 9.35 -9.54
CA GLU A 221 -9.21 9.00 -10.95
C GLU A 221 -10.03 10.04 -11.72
N GLY A 222 -10.46 11.09 -11.02
CA GLY A 222 -11.17 12.19 -11.65
C GLY A 222 -10.33 13.44 -11.71
N LEU A 223 -9.03 13.29 -11.46
CA LEU A 223 -8.08 14.40 -11.46
C LEU A 223 -7.96 15.03 -12.84
N LEU A 224 -7.81 14.18 -13.84
CA LEU A 224 -7.72 14.62 -15.23
C LEU A 224 -8.19 13.46 -16.08
N PRO A 225 -8.52 13.71 -17.36
CA PRO A 225 -8.94 12.61 -18.24
C PRO A 225 -7.94 11.45 -18.21
N LEU A 226 -8.44 10.23 -18.10
CA LEU A 226 -7.59 9.07 -17.92
C LEU A 226 -6.84 8.68 -19.19
N ASP A 227 -7.40 9.04 -20.35
CA ASP A 227 -6.70 8.83 -21.60
C ASP A 227 -5.50 9.77 -21.66
N THR A 228 -5.71 10.99 -21.17
CA THR A 228 -4.66 11.99 -21.13
C THR A 228 -3.59 11.60 -20.13
N PHE A 229 -3.99 10.99 -19.02
CA PHE A 229 -3.05 10.56 -18.00
C PHE A 229 -2.20 9.40 -18.51
N ALA A 230 -2.81 8.48 -19.25
CA ALA A 230 -2.09 7.37 -19.83
C ALA A 230 -1.05 7.87 -20.83
N ARG A 231 -1.39 8.95 -21.52
CA ARG A 231 -0.48 9.56 -22.47
CA ARG A 231 -0.48 9.57 -22.48
C ARG A 231 0.67 10.26 -21.75
N PHE A 232 0.35 10.97 -20.67
CA PHE A 232 1.36 11.65 -19.87
C PHE A 232 2.40 10.67 -19.33
N SER A 233 1.94 9.47 -18.98
CA SER A 233 2.81 8.46 -18.40
C SER A 233 3.90 8.01 -19.36
N GLN A 234 3.65 8.18 -20.65
CA GLN A 234 4.61 7.77 -21.68
C GLN A 234 5.44 8.95 -22.15
N ASN A 235 5.06 10.15 -21.74
CA ASN A 235 5.78 11.35 -22.11
C ASN A 235 6.98 11.57 -21.20
N PRO A 236 8.20 11.47 -21.75
CA PRO A 236 9.44 11.55 -20.97
C PRO A 236 9.70 12.95 -20.40
N ALA A 237 8.89 13.93 -20.80
CA ALA A 237 9.01 15.27 -20.26
C ALA A 237 8.20 15.43 -18.97
N TYR A 238 7.30 14.50 -18.73
CA TYR A 238 6.46 14.53 -17.53
C TYR A 238 6.78 13.37 -16.60
N HIS A 239 6.43 13.53 -15.33
CA HIS A 239 6.52 12.46 -14.35
C HIS A 239 5.11 12.11 -13.89
N THR A 240 4.78 10.83 -13.85
CA THR A 240 3.46 10.41 -13.39
C THR A 240 3.57 9.30 -12.34
N GLN A 241 2.54 9.19 -11.52
CA GLN A 241 2.50 8.17 -10.49
C GLN A 241 1.10 7.60 -10.36
N LEU A 242 1.01 6.40 -9.80
CA LEU A 242 -0.26 5.72 -9.63
C LEU A 242 -0.16 4.80 -8.43
N SER A 243 -0.70 5.23 -7.30
CA SER A 243 -0.50 4.52 -6.04
C SER A 243 -1.14 3.14 -6.01
N GLN A 244 -0.92 2.42 -4.92
CA GLN A 244 -1.72 1.25 -4.61
C GLN A 244 -3.16 1.73 -4.46
N PRO A 245 -4.14 0.85 -4.72
CA PRO A 245 -5.55 1.24 -4.62
C PRO A 245 -5.88 1.76 -3.21
N ILE A 246 -6.77 2.76 -3.13
CA ILE A 246 -7.07 3.38 -1.84
C ILE A 246 -8.52 3.22 -1.42
N GLU A 247 -9.42 3.05 -2.38
CA GLU A 247 -10.84 2.93 -2.08
C GLU A 247 -11.64 2.24 -3.18
N THR A 248 -12.87 1.86 -2.87
CA THR A 248 -13.73 1.17 -3.81
C THR A 248 -14.62 2.13 -4.58
N VAL A 249 -14.74 1.94 -5.89
CA VAL A 249 -15.76 2.61 -6.68
C VAL A 249 -16.78 1.55 -7.07
N MET A 250 -18.06 1.91 -7.01
CA MET A 250 -19.10 0.91 -7.04
C MET A 250 -20.48 1.49 -7.37
N LEU A 251 -21.42 0.59 -7.65
CA LEU A 251 -22.82 0.97 -7.74
C LEU A 251 -23.54 0.61 -6.45
N ALA A 252 -24.41 1.50 -5.99
CA ALA A 252 -25.31 1.18 -4.89
C ALA A 252 -26.67 0.83 -5.45
N LEU A 253 -27.20 -0.33 -5.07
CA LEU A 253 -28.49 -0.78 -5.59
C LEU A 253 -29.58 -0.55 -4.55
N ASN A 254 -30.68 0.08 -4.97
CA ASN A 254 -31.75 0.43 -4.05
C ASN A 254 -32.66 -0.75 -3.73
N THR A 255 -32.42 -1.36 -2.57
CA THR A 255 -33.19 -2.53 -2.14
C THR A 255 -34.63 -2.19 -1.77
N ALA A 256 -34.95 -0.91 -1.77
CA ALA A 256 -36.29 -0.46 -1.36
C ALA A 256 -37.15 -0.04 -2.56
N LYS A 257 -36.52 0.15 -3.71
CA LYS A 257 -37.23 0.56 -4.91
C LYS A 257 -37.20 -0.50 -6.00
N ALA A 258 -38.36 -0.78 -6.59
CA ALA A 258 -38.46 -1.75 -7.68
C ALA A 258 -37.68 -1.27 -8.90
N PRO A 259 -37.08 -2.22 -9.65
CA PRO A 259 -37.06 -3.66 -9.42
C PRO A 259 -35.85 -4.12 -8.61
N THR A 260 -35.04 -3.17 -8.16
CA THR A 260 -33.82 -3.49 -7.42
C THR A 260 -34.11 -3.92 -5.98
N ASN A 261 -35.39 -4.07 -5.67
CA ASN A 261 -35.81 -4.58 -4.36
C ASN A 261 -35.77 -6.10 -4.31
N GLU A 262 -35.71 -6.72 -5.49
CA GLU A 262 -35.63 -8.17 -5.57
C GLU A 262 -34.18 -8.62 -5.55
N LEU A 263 -33.86 -9.54 -4.65
CA LEU A 263 -32.50 -10.05 -4.50
C LEU A 263 -31.99 -10.66 -5.78
N ALA A 264 -32.87 -11.38 -6.48
CA ALA A 264 -32.50 -12.05 -7.73
C ALA A 264 -32.04 -11.05 -8.77
N VAL A 265 -32.70 -9.90 -8.81
CA VAL A 265 -32.32 -8.85 -9.76
C VAL A 265 -30.96 -8.26 -9.43
N ARG A 266 -30.76 -7.94 -8.15
CA ARG A 266 -29.47 -7.40 -7.69
C ARG A 266 -28.35 -8.39 -7.95
N GLU A 267 -28.62 -9.67 -7.69
CA GLU A 267 -27.66 -10.73 -7.97
C GLU A 267 -27.32 -10.80 -9.46
N ALA A 268 -28.35 -10.71 -10.30
CA ALA A 268 -28.17 -10.81 -11.75
C ALA A 268 -27.38 -9.63 -12.31
N LEU A 269 -27.58 -8.45 -11.72
CA LEU A 269 -26.83 -7.27 -12.15
C LEU A 269 -25.35 -7.43 -11.84
N ASN A 270 -25.06 -8.06 -10.70
CA ASN A 270 -23.67 -8.28 -10.28
C ASN A 270 -22.95 -9.29 -11.16
N TYR A 271 -23.71 -10.02 -11.98
CA TYR A 271 -23.15 -10.98 -12.93
C TYR A 271 -23.07 -10.39 -14.33
N ALA A 272 -23.69 -9.22 -14.52
CA ALA A 272 -23.96 -8.70 -15.84
C ALA A 272 -22.86 -7.82 -16.42
N VAL A 273 -22.11 -7.13 -15.55
CA VAL A 273 -21.12 -6.16 -16.03
C VAL A 273 -19.77 -6.80 -16.30
N ASN A 274 -19.24 -6.53 -17.49
CA ASN A 274 -17.89 -6.95 -17.84
C ASN A 274 -16.88 -5.95 -17.27
N LYS A 275 -16.47 -6.19 -16.02
CA LYS A 275 -15.70 -5.22 -15.27
C LYS A 275 -14.31 -4.97 -15.86
N LYS A 276 -13.65 -6.04 -16.29
CA LYS A 276 -12.31 -5.89 -16.88
C LYS A 276 -12.40 -5.09 -18.18
N SER A 277 -13.44 -5.37 -18.96
CA SER A 277 -13.69 -4.60 -20.17
C SER A 277 -13.97 -3.14 -19.83
N LEU A 278 -14.83 -2.92 -18.83
CA LEU A 278 -15.16 -1.58 -18.37
C LEU A 278 -13.90 -0.83 -17.93
N ILE A 279 -13.00 -1.54 -17.25
CA ILE A 279 -11.78 -0.95 -16.72
C ILE A 279 -10.77 -0.71 -17.84
N ASP A 280 -10.75 -1.60 -18.84
CA ASP A 280 -9.90 -1.39 -20.00
C ASP A 280 -10.45 -0.30 -20.92
N ASN A 281 -11.77 -0.28 -21.07
CA ASN A 281 -12.43 0.68 -21.95
C ASN A 281 -12.43 2.09 -21.37
N ALA A 282 -13.04 2.26 -20.20
CA ALA A 282 -13.28 3.58 -19.65
C ALA A 282 -12.18 4.06 -18.71
N LEU A 283 -11.54 3.13 -18.00
CA LEU A 283 -10.53 3.47 -17.01
CA LEU A 283 -10.53 3.51 -17.01
C LEU A 283 -9.12 3.34 -17.57
N TYR A 284 -9.02 2.94 -18.84
CA TYR A 284 -7.74 2.77 -19.52
C TYR A 284 -6.76 1.90 -18.75
N GLY A 285 -7.27 0.85 -18.11
CA GLY A 285 -6.45 -0.12 -17.42
C GLY A 285 -5.66 0.42 -16.24
N THR A 286 -6.04 1.60 -15.74
CA THR A 286 -5.29 2.24 -14.67
C THR A 286 -5.85 1.90 -13.28
N GLN A 287 -6.86 1.04 -13.23
CA GLN A 287 -7.44 0.63 -11.96
C GLN A 287 -7.57 -0.90 -11.89
N GLN A 288 -7.92 -1.41 -10.72
CA GLN A 288 -8.04 -2.84 -10.49
CA GLN A 288 -8.04 -2.85 -10.51
C GLN A 288 -9.50 -3.27 -10.42
N VAL A 289 -9.80 -4.51 -10.80
CA VAL A 289 -11.16 -5.03 -10.71
C VAL A 289 -11.57 -5.25 -9.25
N ALA A 290 -12.80 -4.86 -8.90
CA ALA A 290 -13.31 -5.06 -7.54
C ALA A 290 -14.43 -6.10 -7.52
N ASP A 291 -14.32 -7.04 -6.58
CA ASP A 291 -15.33 -8.08 -6.43
C ASP A 291 -16.17 -7.88 -5.17
N THR A 292 -15.63 -7.12 -4.22
CA THR A 292 -16.28 -6.92 -2.93
C THR A 292 -16.33 -5.46 -2.54
N LEU A 293 -17.18 -5.14 -1.57
CA LEU A 293 -17.34 -3.77 -1.07
C LEU A 293 -16.01 -3.20 -0.61
N PHE A 294 -15.24 -4.01 0.12
CA PHE A 294 -13.89 -3.66 0.50
C PHE A 294 -12.87 -4.63 -0.09
N ALA A 295 -11.73 -4.10 -0.51
CA ALA A 295 -10.63 -4.96 -0.96
C ALA A 295 -10.18 -5.84 0.21
N PRO A 296 -9.71 -7.06 -0.10
CA PRO A 296 -9.22 -7.98 0.92
C PRO A 296 -8.18 -7.37 1.87
N SER A 297 -7.49 -6.34 1.39
CA SER A 297 -6.43 -5.69 2.15
C SER A 297 -6.95 -4.74 3.22
N VAL A 298 -8.22 -4.39 3.12
CA VAL A 298 -8.86 -3.53 4.12
C VAL A 298 -8.95 -4.29 5.45
N PRO A 299 -8.61 -3.61 6.56
CA PRO A 299 -8.71 -4.21 7.90
C PRO A 299 -10.05 -4.90 8.12
N TYR A 300 -10.00 -6.11 8.68
CA TYR A 300 -11.19 -6.91 9.01
C TYR A 300 -12.00 -7.36 7.79
N ALA A 301 -11.45 -7.21 6.59
CA ALA A 301 -12.21 -7.46 5.37
C ALA A 301 -11.71 -8.64 4.55
N ASN A 302 -10.70 -9.34 5.04
CA ASN A 302 -10.27 -10.56 4.34
C ASN A 302 -11.14 -11.71 4.83
N LEU A 303 -12.27 -11.92 4.14
CA LEU A 303 -13.30 -12.83 4.62
C LEU A 303 -13.51 -14.01 3.68
N GLY A 304 -12.85 -13.98 2.51
CA GLY A 304 -13.04 -15.00 1.51
C GLY A 304 -14.41 -14.95 0.88
N LEU A 305 -14.94 -13.74 0.71
CA LEU A 305 -16.23 -13.56 0.06
C LEU A 305 -16.15 -13.99 -1.41
N LYS A 306 -17.16 -14.71 -1.87
CA LYS A 306 -17.18 -15.24 -3.23
C LYS A 306 -17.56 -14.16 -4.25
N PRO A 307 -16.69 -13.97 -5.26
CA PRO A 307 -16.91 -12.97 -6.31
C PRO A 307 -18.03 -13.36 -7.27
N SER A 308 -18.81 -12.37 -7.69
CA SER A 308 -19.76 -12.56 -8.77
C SER A 308 -19.12 -12.01 -10.05
N GLN A 309 -18.52 -12.91 -10.81
CA GLN A 309 -17.80 -12.50 -12.02
C GLN A 309 -18.73 -12.48 -13.23
N TYR A 310 -18.24 -11.86 -14.30
CA TYR A 310 -18.98 -11.68 -15.54
C TYR A 310 -19.52 -13.01 -16.08
N ASP A 311 -20.83 -13.17 -16.00
CA ASP A 311 -21.49 -14.37 -16.51
C ASP A 311 -22.90 -14.02 -16.97
N PRO A 312 -23.03 -13.51 -18.20
CA PRO A 312 -24.32 -13.11 -18.79
C PRO A 312 -25.36 -14.21 -18.73
N GLN A 313 -24.92 -15.44 -18.97
CA GLN A 313 -25.83 -16.58 -18.99
C GLN A 313 -26.48 -16.82 -17.64
N LYS A 314 -25.70 -16.68 -16.58
CA LYS A 314 -26.21 -16.86 -15.23
C LYS A 314 -27.11 -15.69 -14.85
N ALA A 315 -26.75 -14.50 -15.30
CA ALA A 315 -27.55 -13.31 -15.04
C ALA A 315 -28.95 -13.46 -15.62
N LYS A 316 -29.01 -14.01 -16.83
CA LYS A 316 -30.29 -14.26 -17.51
C LYS A 316 -31.11 -15.30 -16.76
N ALA A 317 -30.48 -16.42 -16.43
CA ALA A 317 -31.16 -17.53 -15.77
C ALA A 317 -31.70 -17.12 -14.40
N LEU A 318 -31.00 -16.21 -13.72
CA LEU A 318 -31.45 -15.70 -12.44
C LEU A 318 -32.73 -14.87 -12.60
N LEU A 319 -32.77 -14.05 -13.64
CA LEU A 319 -33.95 -13.25 -13.94
C LEU A 319 -35.10 -14.14 -14.39
N GLU A 320 -34.82 -15.08 -15.28
CA GLU A 320 -35.82 -16.03 -15.77
C GLU A 320 -36.50 -16.76 -14.62
N LYS A 321 -35.70 -17.22 -13.66
CA LYS A 321 -36.20 -18.00 -12.54
C LYS A 321 -37.07 -17.16 -11.60
N ALA A 322 -36.77 -15.87 -11.52
CA ALA A 322 -37.49 -14.98 -10.62
C ALA A 322 -38.77 -14.43 -11.25
N GLY A 323 -39.00 -14.78 -12.50
CA GLY A 323 -40.23 -14.38 -13.19
C GLY A 323 -40.05 -13.28 -14.20
N TRP A 324 -38.80 -12.89 -14.45
CA TRP A 324 -38.52 -11.87 -15.45
C TRP A 324 -38.21 -12.50 -16.79
N THR A 325 -39.24 -12.60 -17.63
CA THR A 325 -39.11 -13.25 -18.93
C THR A 325 -39.23 -12.26 -20.07
N LEU A 326 -38.71 -12.64 -21.24
CA LEU A 326 -38.78 -11.79 -22.43
C LEU A 326 -40.11 -11.96 -23.15
N PRO A 327 -40.85 -10.85 -23.30
CA PRO A 327 -42.07 -10.88 -24.14
C PRO A 327 -41.73 -11.14 -25.60
N ALA A 328 -42.74 -11.45 -26.40
CA ALA A 328 -42.52 -11.77 -27.81
C ALA A 328 -41.94 -10.59 -28.58
N GLY A 329 -40.73 -10.77 -29.10
CA GLY A 329 -40.10 -9.76 -29.94
C GLY A 329 -39.53 -8.58 -29.20
N LYS A 330 -39.35 -8.71 -27.89
CA LYS A 330 -38.77 -7.64 -27.09
C LYS A 330 -37.43 -8.07 -26.49
N ASP A 331 -36.57 -7.09 -26.20
CA ASP A 331 -35.27 -7.34 -25.62
C ASP A 331 -35.31 -7.12 -24.10
N ILE A 332 -36.34 -6.44 -23.63
CA ILE A 332 -36.47 -6.10 -22.21
C ILE A 332 -37.49 -6.99 -21.51
N ARG A 333 -37.09 -7.55 -20.38
CA ARG A 333 -37.92 -8.48 -19.63
C ARG A 333 -39.09 -7.80 -18.93
N GLU A 334 -40.13 -8.56 -18.66
CA GLU A 334 -41.28 -8.06 -17.91
C GLU A 334 -41.65 -9.00 -16.76
N LYS A 335 -42.32 -8.45 -15.75
CA LYS A 335 -42.84 -9.24 -14.63
C LYS A 335 -44.05 -8.53 -14.03
N ASN A 336 -45.16 -9.25 -13.94
CA ASN A 336 -46.42 -8.68 -13.46
C ASN A 336 -46.79 -7.40 -14.21
N GLY A 337 -46.51 -7.37 -15.51
CA GLY A 337 -46.82 -6.22 -16.34
C GLY A 337 -45.75 -5.15 -16.30
N GLN A 338 -44.80 -5.30 -15.38
CA GLN A 338 -43.74 -4.31 -15.20
C GLN A 338 -42.48 -4.68 -15.97
N PRO A 339 -42.01 -3.77 -16.84
CA PRO A 339 -40.73 -3.97 -17.53
C PRO A 339 -39.54 -3.87 -16.58
N LEU A 340 -38.45 -4.54 -16.91
CA LEU A 340 -37.25 -4.50 -16.09
C LEU A 340 -36.45 -3.24 -16.39
N ARG A 341 -36.90 -2.11 -15.84
CA ARG A 341 -36.25 -0.82 -16.06
C ARG A 341 -35.70 -0.24 -14.77
N ILE A 342 -34.43 0.18 -14.81
CA ILE A 342 -33.76 0.73 -13.64
C ILE A 342 -33.16 2.09 -13.95
N GLU A 343 -33.28 3.03 -13.02
CA GLU A 343 -32.71 4.36 -13.19
C GLU A 343 -31.31 4.47 -12.60
N LEU A 344 -30.33 4.72 -13.46
CA LEU A 344 -28.97 5.00 -13.01
C LEU A 344 -28.71 6.49 -13.10
N SER A 345 -28.73 7.17 -11.96
CA SER A 345 -28.50 8.60 -11.92
C SER A 345 -27.05 8.92 -11.59
N PHE A 346 -26.54 10.01 -12.16
CA PHE A 346 -25.16 10.41 -12.00
C PHE A 346 -24.97 11.86 -12.39
N ILE A 347 -23.81 12.42 -12.03
CA ILE A 347 -23.50 13.82 -12.38
C ILE A 347 -23.23 13.93 -13.87
N GLY A 348 -24.11 14.66 -14.56
CA GLY A 348 -24.11 14.72 -16.01
C GLY A 348 -22.91 15.37 -16.67
N THR A 349 -22.17 16.17 -15.92
CA THR A 349 -21.01 16.86 -16.46
C THR A 349 -19.71 16.10 -16.14
N ASP A 350 -19.85 14.91 -15.58
CA ASP A 350 -18.71 14.05 -15.31
C ASP A 350 -18.54 13.06 -16.45
N ALA A 351 -17.54 13.31 -17.30
CA ALA A 351 -17.32 12.49 -18.49
C ALA A 351 -17.01 11.04 -18.15
N LEU A 352 -16.38 10.82 -17.00
CA LEU A 352 -16.01 9.47 -16.59
C LEU A 352 -17.24 8.66 -16.20
N SER A 353 -18.10 9.24 -15.38
CA SER A 353 -19.34 8.59 -14.95
C SER A 353 -20.22 8.29 -16.16
N LYS A 354 -20.39 9.29 -17.02
CA LYS A 354 -21.13 9.14 -18.26
C LYS A 354 -20.58 7.97 -19.06
N SER A 355 -19.25 7.95 -19.20
CA SER A 355 -18.58 6.90 -19.95
CA SER A 355 -18.57 6.91 -19.95
C SER A 355 -18.71 5.55 -19.27
N MET A 356 -18.82 5.55 -17.95
CA MET A 356 -18.99 4.29 -17.22
C MET A 356 -20.46 3.85 -17.27
N ALA A 357 -21.36 4.83 -17.35
CA ALA A 357 -22.80 4.54 -17.36
C ALA A 357 -23.25 3.86 -18.65
N GLU A 358 -22.71 4.29 -19.79
CA GLU A 358 -23.08 3.73 -21.10
C GLU A 358 -22.76 2.23 -21.18
N ILE A 359 -21.53 1.88 -20.82
CA ILE A 359 -21.07 0.47 -20.77
C ILE A 359 -22.01 -0.38 -19.92
N ILE A 360 -22.32 0.11 -18.74
CA ILE A 360 -23.21 -0.61 -17.81
C ILE A 360 -24.60 -0.77 -18.42
N GLN A 361 -25.13 0.30 -18.98
CA GLN A 361 -26.40 0.26 -19.70
C GLN A 361 -26.38 -0.79 -20.80
N ALA A 362 -25.29 -0.81 -21.57
CA ALA A 362 -25.13 -1.75 -22.67
C ALA A 362 -24.98 -3.19 -22.17
N ASP A 363 -24.20 -3.36 -21.10
CA ASP A 363 -23.99 -4.69 -20.52
C ASP A 363 -25.28 -5.28 -19.96
N MET A 364 -26.04 -4.45 -19.24
CA MET A 364 -27.28 -4.89 -18.63
C MET A 364 -28.39 -5.06 -19.66
N ARG A 365 -28.27 -4.41 -20.82
CA ARG A 365 -29.27 -4.59 -21.86
C ARG A 365 -29.15 -6.01 -22.44
N GLN A 366 -27.94 -6.54 -22.41
CA GLN A 366 -27.69 -7.87 -22.94
C GLN A 366 -28.35 -8.96 -22.09
N ILE A 367 -28.65 -8.65 -20.84
CA ILE A 367 -29.30 -9.62 -19.97
C ILE A 367 -30.79 -9.30 -19.81
N GLY A 368 -31.28 -8.36 -20.62
CA GLY A 368 -32.69 -8.04 -20.63
C GLY A 368 -33.11 -6.96 -19.66
N ALA A 369 -32.17 -6.10 -19.29
CA ALA A 369 -32.45 -5.02 -18.36
C ALA A 369 -32.27 -3.67 -19.04
N ASP A 370 -33.28 -2.80 -18.93
CA ASP A 370 -33.22 -1.49 -19.56
C ASP A 370 -32.81 -0.42 -18.54
N VAL A 371 -31.57 0.04 -18.64
CA VAL A 371 -31.06 1.04 -17.74
C VAL A 371 -31.22 2.45 -18.30
N SER A 372 -31.86 3.33 -17.53
CA SER A 372 -32.09 4.68 -17.97
C SER A 372 -31.06 5.64 -17.37
N LEU A 373 -30.24 6.22 -18.24
CA LEU A 373 -29.19 7.14 -17.81
C LEU A 373 -29.78 8.50 -17.47
N ILE A 374 -29.76 8.84 -16.19
CA ILE A 374 -30.26 10.13 -15.74
C ILE A 374 -29.11 11.02 -15.28
N GLY A 375 -28.62 11.85 -16.19
CA GLY A 375 -27.54 12.78 -15.88
C GLY A 375 -28.07 14.10 -15.36
N GLU A 376 -27.75 14.41 -14.11
CA GLU A 376 -28.19 15.64 -13.48
C GLU A 376 -27.00 16.40 -12.91
N GLU A 377 -27.24 17.62 -12.41
CA GLU A 377 -26.18 18.40 -11.80
C GLU A 377 -25.86 17.84 -10.41
N GLU A 378 -24.74 18.28 -9.85
CA GLU A 378 -24.22 17.75 -8.60
C GLU A 378 -25.25 17.77 -7.46
N SER A 379 -25.85 18.93 -7.24
CA SER A 379 -26.80 19.11 -6.13
C SER A 379 -27.99 18.16 -6.23
N SER A 380 -28.43 17.89 -7.46
CA SER A 380 -29.57 17.01 -7.69
CA SER A 380 -29.57 17.01 -7.69
C SER A 380 -29.25 15.58 -7.27
N ILE A 381 -28.07 15.11 -7.67
CA ILE A 381 -27.64 13.74 -7.35
C ILE A 381 -27.48 13.57 -5.85
N TYR A 382 -26.91 14.58 -5.18
CA TYR A 382 -26.79 14.56 -3.73
C TYR A 382 -28.16 14.48 -3.08
N ALA A 383 -29.13 15.19 -3.67
CA ALA A 383 -30.49 15.20 -3.16
C ALA A 383 -31.16 13.85 -3.31
N ARG A 384 -30.91 13.19 -4.44
CA ARG A 384 -31.42 11.84 -4.67
C ARG A 384 -30.84 10.86 -3.66
N GLN A 385 -29.54 11.00 -3.39
CA GLN A 385 -28.86 10.14 -2.44
C GLN A 385 -29.47 10.28 -1.05
N ARG A 386 -29.71 11.51 -0.63
CA ARG A 386 -30.35 11.79 0.65
C ARG A 386 -31.74 11.19 0.74
N ASP A 387 -32.57 11.46 -0.26
CA ASP A 387 -33.97 11.07 -0.24
CA ASP A 387 -33.97 11.07 -0.25
C ASP A 387 -34.19 9.67 -0.79
N GLY A 388 -33.10 9.01 -1.19
CA GLY A 388 -33.18 7.65 -1.71
C GLY A 388 -33.95 7.54 -3.00
N ARG A 389 -33.91 8.60 -3.81
CA ARG A 389 -34.63 8.61 -5.08
C ARG A 389 -33.72 8.19 -6.23
N PHE A 390 -33.41 6.90 -6.28
CA PHE A 390 -32.56 6.34 -7.31
C PHE A 390 -32.76 4.83 -7.42
N GLY A 391 -32.51 4.28 -8.59
CA GLY A 391 -32.48 2.84 -8.76
C GLY A 391 -31.07 2.36 -8.53
N MET A 392 -30.13 2.89 -9.31
CA MET A 392 -28.71 2.65 -9.14
C MET A 392 -27.97 3.97 -9.08
N ILE A 393 -26.81 3.99 -8.43
CA ILE A 393 -26.05 5.21 -8.28
C ILE A 393 -24.57 4.90 -8.10
N PHE A 394 -23.70 5.79 -8.59
CA PHE A 394 -22.26 5.62 -8.39
C PHE A 394 -21.90 5.97 -6.96
N HIS A 395 -21.03 5.18 -6.36
CA HIS A 395 -20.64 5.40 -4.97
C HIS A 395 -19.17 5.06 -4.74
N ARG A 396 -18.64 5.60 -3.65
CA ARG A 396 -17.23 5.48 -3.31
C ARG A 396 -17.08 5.12 -1.84
N THR A 397 -16.11 4.26 -1.53
CA THR A 397 -15.69 4.14 -0.14
C THR A 397 -14.70 5.28 0.11
N TRP A 398 -14.20 5.38 1.33
CA TRP A 398 -13.50 6.60 1.74
C TRP A 398 -12.01 6.41 1.96
N GLY A 399 -11.54 5.17 1.89
CA GLY A 399 -10.13 4.89 2.10
C GLY A 399 -9.71 5.01 3.55
N ALA A 400 -8.43 4.77 3.81
CA ALA A 400 -7.88 4.89 5.15
C ALA A 400 -7.94 6.33 5.64
N PRO A 401 -8.28 6.53 6.92
CA PRO A 401 -8.60 5.46 7.88
C PRO A 401 -10.10 5.27 8.09
N TYR A 402 -10.91 5.70 7.13
CA TYR A 402 -12.36 5.59 7.25
C TYR A 402 -12.86 4.16 7.01
N ASP A 403 -12.12 3.41 6.20
CA ASP A 403 -12.53 2.05 5.88
C ASP A 403 -11.89 1.06 6.85
N PRO A 404 -12.70 0.16 7.43
CA PRO A 404 -14.13 0.03 7.17
C PRO A 404 -15.06 0.71 8.19
N HIS A 405 -14.56 1.02 9.38
CA HIS A 405 -15.43 1.39 10.50
C HIS A 405 -16.29 2.64 10.24
N ALA A 406 -15.71 3.68 9.65
CA ALA A 406 -16.41 4.94 9.47
C ALA A 406 -17.45 4.85 8.36
N PHE A 407 -17.10 4.18 7.26
CA PHE A 407 -18.02 3.99 6.16
C PHE A 407 -19.20 3.15 6.63
N LEU A 408 -18.90 2.09 7.37
CA LEU A 408 -19.92 1.22 7.94
C LEU A 408 -20.81 1.99 8.91
N SER A 409 -20.19 2.80 9.77
CA SER A 409 -20.94 3.58 10.76
C SER A 409 -21.96 4.51 10.13
N SER A 410 -21.58 5.15 9.02
CA SER A 410 -22.43 6.14 8.38
C SER A 410 -23.60 5.51 7.61
N MET A 411 -23.61 4.18 7.53
CA MET A 411 -24.71 3.47 6.91
C MET A 411 -25.97 3.57 7.77
N ARG A 412 -25.79 3.98 9.02
CA ARG A 412 -26.88 4.11 9.97
C ARG A 412 -27.57 5.47 9.85
N VAL A 413 -26.88 6.42 9.23
CA VAL A 413 -27.39 7.76 9.05
C VAL A 413 -28.32 7.85 7.84
N PRO A 414 -29.59 8.21 8.07
CA PRO A 414 -30.63 8.29 7.04
C PRO A 414 -30.27 9.25 5.90
N SER A 415 -29.50 10.29 6.20
CA SER A 415 -29.13 11.29 5.20
C SER A 415 -28.16 10.74 4.15
N HIS A 416 -27.61 9.56 4.42
CA HIS A 416 -26.57 8.98 3.57
C HIS A 416 -27.13 7.95 2.59
N ALA A 417 -26.55 7.91 1.40
CA ALA A 417 -26.98 7.02 0.32
C ALA A 417 -27.02 5.55 0.76
N ASP A 418 -26.05 5.14 1.57
CA ASP A 418 -25.93 3.75 1.98
C ASP A 418 -27.10 3.30 2.87
N PHE A 419 -27.62 4.19 3.71
CA PHE A 419 -28.81 3.87 4.48
C PHE A 419 -29.98 3.66 3.53
N GLN A 420 -30.13 4.59 2.59
CA GLN A 420 -31.22 4.54 1.63
C GLN A 420 -31.17 3.29 0.76
N ALA A 421 -29.98 2.93 0.31
CA ALA A 421 -29.80 1.75 -0.52
C ALA A 421 -30.18 0.47 0.22
N GLN A 422 -29.92 0.45 1.53
CA GLN A 422 -30.17 -0.74 2.33
C GLN A 422 -31.54 -0.74 3.00
N GLN A 423 -32.27 0.36 2.88
CA GLN A 423 -33.52 0.54 3.63
C GLN A 423 -34.54 -0.55 3.35
N GLY A 424 -34.41 -1.23 2.20
CA GLY A 424 -35.33 -2.27 1.82
C GLY A 424 -34.93 -3.64 2.33
N LEU A 425 -33.79 -3.72 3.01
CA LEU A 425 -33.32 -4.99 3.53
C LEU A 425 -34.10 -5.40 4.78
N ALA A 426 -34.45 -6.68 4.84
CA ALA A 426 -35.18 -7.22 5.98
C ALA A 426 -34.33 -7.17 7.25
N ASP A 427 -33.02 -7.30 7.10
CA ASP A 427 -32.12 -7.35 8.24
C ASP A 427 -31.48 -6.00 8.54
N LYS A 428 -31.98 -4.95 7.90
CA LYS A 428 -31.42 -3.61 8.07
C LYS A 428 -31.30 -3.17 9.55
N PRO A 429 -32.33 -3.47 10.38
CA PRO A 429 -32.12 -3.17 11.81
C PRO A 429 -31.02 -4.00 12.46
N LEU A 430 -30.98 -5.29 12.18
CA LEU A 430 -29.96 -6.17 12.73
C LEU A 430 -28.57 -5.72 12.30
N ILE A 431 -28.44 -5.37 11.02
CA ILE A 431 -27.19 -4.84 10.48
C ILE A 431 -26.77 -3.58 11.23
N ASP A 432 -27.69 -2.63 11.35
CA ASP A 432 -27.42 -1.37 12.03
C ASP A 432 -27.08 -1.58 13.50
N LYS A 433 -27.72 -2.56 14.12
CA LYS A 433 -27.44 -2.89 15.52
C LYS A 433 -26.02 -3.42 15.65
N GLU A 434 -25.65 -4.32 14.74
CA GLU A 434 -24.33 -4.93 14.76
C GLU A 434 -23.23 -3.93 14.45
N ILE A 435 -23.54 -2.93 13.63
CA ILE A 435 -22.56 -1.89 13.31
C ILE A 435 -22.26 -1.06 14.55
N GLY A 436 -23.30 -0.74 15.32
CA GLY A 436 -23.12 0.00 16.56
C GLY A 436 -22.32 -0.79 17.57
N GLU A 437 -22.59 -2.10 17.64
CA GLU A 437 -21.88 -2.98 18.56
C GLU A 437 -20.39 -3.11 18.23
N VAL A 438 -20.07 -3.28 16.95
CA VAL A 438 -18.69 -3.56 16.55
C VAL A 438 -17.78 -2.37 16.82
N LEU A 439 -18.36 -1.17 16.87
CA LEU A 439 -17.59 0.03 17.16
C LEU A 439 -17.25 0.12 18.65
N ALA A 440 -18.11 -0.46 19.49
CA ALA A 440 -18.01 -0.29 20.92
C ALA A 440 -17.54 -1.54 21.65
N THR A 441 -17.32 -2.62 20.91
CA THR A 441 -16.84 -3.85 21.53
C THR A 441 -15.32 -3.85 21.59
N HIS A 442 -14.76 -4.34 22.69
CA HIS A 442 -13.31 -4.39 22.85
C HIS A 442 -12.81 -5.82 22.85
N ASP A 443 -13.74 -6.77 22.72
CA ASP A 443 -13.37 -8.14 22.45
C ASP A 443 -13.01 -8.25 20.97
N GLU A 444 -11.76 -8.61 20.70
CA GLU A 444 -11.25 -8.65 19.34
C GLU A 444 -11.85 -9.80 18.53
N THR A 445 -12.15 -10.91 19.19
CA THR A 445 -12.74 -12.06 18.53
C THR A 445 -14.15 -11.73 18.07
N GLN A 446 -14.91 -11.04 18.92
CA GLN A 446 -16.27 -10.63 18.59
C GLN A 446 -16.29 -9.53 17.55
N ARG A 447 -15.29 -8.65 17.60
CA ARG A 447 -15.20 -7.55 16.65
C ARG A 447 -15.05 -8.07 15.22
N GLN A 448 -14.10 -8.98 15.03
CA GLN A 448 -13.88 -9.61 13.73
C GLN A 448 -15.09 -10.45 13.34
N ALA A 449 -15.81 -10.95 14.34
CA ALA A 449 -17.00 -11.76 14.10
C ALA A 449 -18.16 -10.90 13.61
N LEU A 450 -18.25 -9.69 14.14
CA LEU A 450 -19.30 -8.76 13.75
C LEU A 450 -19.01 -8.18 12.37
N TYR A 451 -17.76 -7.79 12.15
CA TYR A 451 -17.34 -7.27 10.85
C TYR A 451 -17.58 -8.29 9.74
N ARG A 452 -17.30 -9.56 10.04
CA ARG A 452 -17.56 -10.62 9.08
C ARG A 452 -19.05 -10.70 8.76
N ASP A 453 -19.88 -10.72 9.79
CA ASP A 453 -21.31 -10.87 9.62
C ASP A 453 -21.93 -9.69 8.87
N ILE A 454 -21.50 -8.48 9.22
CA ILE A 454 -21.97 -7.28 8.55
C ILE A 454 -21.61 -7.29 7.06
N LEU A 455 -20.33 -7.44 6.75
CA LEU A 455 -19.86 -7.42 5.37
C LEU A 455 -20.44 -8.56 4.54
N THR A 456 -20.52 -9.75 5.14
CA THR A 456 -21.08 -10.91 4.46
C THR A 456 -22.52 -10.68 4.07
N ARG A 457 -23.31 -10.15 5.01
CA ARG A 457 -24.72 -9.85 4.76
C ARG A 457 -24.87 -8.87 3.61
N LEU A 458 -24.08 -7.81 3.63
CA LEU A 458 -24.12 -6.82 2.55
C LEU A 458 -23.72 -7.45 1.23
N HIS A 459 -22.76 -8.37 1.28
CA HIS A 459 -22.31 -9.08 0.10
C HIS A 459 -23.38 -10.08 -0.37
N ASP A 460 -23.92 -10.85 0.56
CA ASP A 460 -24.92 -11.87 0.23
C ASP A 460 -26.24 -11.25 -0.22
N GLU A 461 -26.51 -10.02 0.20
CA GLU A 461 -27.74 -9.34 -0.20
C GLU A 461 -27.58 -8.57 -1.51
N ALA A 462 -26.34 -8.53 -2.01
CA ALA A 462 -26.02 -7.82 -3.25
C ALA A 462 -26.50 -6.37 -3.22
N VAL A 463 -26.23 -5.68 -2.12
CA VAL A 463 -26.59 -4.29 -1.97
C VAL A 463 -25.82 -3.44 -2.98
N TYR A 464 -24.57 -3.82 -3.19
CA TYR A 464 -23.68 -3.07 -4.06
C TYR A 464 -23.27 -3.85 -5.30
N LEU A 465 -22.87 -3.11 -6.33
CA LEU A 465 -22.19 -3.71 -7.47
C LEU A 465 -20.80 -3.10 -7.51
N PRO A 466 -19.83 -3.75 -6.86
CA PRO A 466 -18.45 -3.26 -6.85
C PRO A 466 -17.87 -3.23 -8.25
N ILE A 467 -17.16 -2.16 -8.59
CA ILE A 467 -16.58 -2.03 -9.93
C ILE A 467 -15.07 -2.09 -9.90
N SER A 468 -14.43 -1.10 -9.30
CA SER A 468 -12.98 -1.05 -9.24
C SER A 468 -12.46 -0.54 -7.92
N TYR A 469 -11.22 -0.91 -7.61
CA TYR A 469 -10.47 -0.26 -6.55
C TYR A 469 -9.55 0.76 -7.20
N ILE A 470 -9.77 2.03 -6.87
CA ILE A 470 -9.08 3.12 -7.56
C ILE A 470 -7.86 3.61 -6.80
N SER A 471 -6.93 4.19 -7.53
CA SER A 471 -5.67 4.63 -6.96
C SER A 471 -5.54 6.14 -6.96
N MET A 472 -4.56 6.64 -6.22
CA MET A 472 -4.20 8.04 -6.28
C MET A 472 -3.36 8.27 -7.54
N MET A 473 -3.54 9.43 -8.16
CA MET A 473 -2.81 9.75 -9.37
C MET A 473 -1.99 11.02 -9.20
N VAL A 474 -0.79 11.03 -9.77
CA VAL A 474 0.09 12.19 -9.69
C VAL A 474 0.63 12.57 -11.07
N VAL A 475 0.57 13.85 -11.40
CA VAL A 475 1.22 14.37 -12.59
C VAL A 475 2.05 15.59 -12.19
N SER A 476 3.37 15.52 -12.41
CA SER A 476 4.25 16.58 -11.94
C SER A 476 5.45 16.80 -12.84
N LYS A 477 6.01 18.01 -12.76
CA LYS A 477 7.28 18.30 -13.40
C LYS A 477 8.37 17.45 -12.75
N PRO A 478 9.24 16.84 -13.56
CA PRO A 478 10.31 15.95 -13.10
C PRO A 478 11.16 16.56 -11.98
N GLU A 479 11.32 17.89 -12.02
CA GLU A 479 12.18 18.58 -11.04
C GLU A 479 11.69 18.44 -9.60
N LEU A 480 10.43 18.07 -9.42
CA LEU A 480 9.88 17.91 -8.08
C LEU A 480 10.24 16.55 -7.48
N GLY A 481 10.79 15.68 -8.30
CA GLY A 481 11.19 14.36 -7.86
C GLY A 481 10.01 13.44 -7.59
N ASN A 482 10.28 12.32 -6.92
CA ASN A 482 9.23 11.40 -6.54
C ASN A 482 8.32 12.05 -5.49
N ILE A 483 7.02 12.00 -5.74
CA ILE A 483 6.06 12.63 -4.83
C ILE A 483 5.43 11.60 -3.89
N PRO A 484 5.62 11.80 -2.58
CA PRO A 484 5.11 10.88 -1.55
C PRO A 484 3.59 10.87 -1.49
N TYR A 485 3.02 9.79 -0.96
CA TYR A 485 1.58 9.70 -0.75
C TYR A 485 1.23 9.95 0.72
N ALA A 486 0.19 10.73 0.95
CA ALA A 486 -0.33 10.92 2.29
C ALA A 486 -1.08 9.66 2.72
N PRO A 487 -0.97 9.29 4.00
CA PRO A 487 -1.67 8.12 4.54
C PRO A 487 -3.19 8.24 4.41
N ILE A 488 -3.70 9.46 4.40
CA ILE A 488 -5.13 9.70 4.26
C ILE A 488 -5.46 10.21 2.87
N ALA A 489 -6.36 9.50 2.18
CA ALA A 489 -6.65 9.71 0.77
C ALA A 489 -6.97 11.15 0.39
N THR A 490 -7.52 11.92 1.32
CA THR A 490 -7.96 13.28 1.03
C THR A 490 -6.86 14.31 1.31
N GLU A 491 -5.75 13.86 1.89
CA GLU A 491 -4.65 14.77 2.19
C GLU A 491 -3.61 14.81 1.08
N ILE A 492 -2.94 15.95 0.95
CA ILE A 492 -1.85 16.11 -0.01
C ILE A 492 -0.59 16.53 0.74
N PRO A 493 0.41 15.62 0.80
CA PRO A 493 1.61 15.81 1.62
C PRO A 493 2.58 16.84 1.05
N PHE A 494 2.16 18.09 0.96
CA PHE A 494 3.01 19.16 0.47
C PHE A 494 4.28 19.33 1.30
N GLU A 495 4.19 19.01 2.59
CA GLU A 495 5.30 19.22 3.52
C GLU A 495 6.42 18.21 3.32
N GLN A 496 6.20 17.23 2.45
CA GLN A 496 7.20 16.19 2.20
C GLN A 496 7.96 16.44 0.90
N ILE A 497 7.40 17.29 0.04
CA ILE A 497 7.97 17.54 -1.27
C ILE A 497 9.24 18.39 -1.21
N LYS A 498 10.23 18.02 -2.02
CA LYS A 498 11.51 18.71 -2.08
C LYS A 498 11.91 19.01 -3.52
N PRO A 499 11.96 20.30 -3.87
CA PRO A 499 12.24 20.75 -5.25
C PRO A 499 13.67 20.48 -5.69
N ALA B 2 -0.35 -16.96 29.97
CA ALA B 2 0.75 -16.17 29.45
C ALA B 2 0.35 -15.44 28.17
N PRO B 3 -0.43 -14.34 28.31
CA PRO B 3 -0.85 -13.55 27.15
C PRO B 3 0.24 -12.61 26.66
N ASP B 4 1.17 -12.28 27.56
CA ASP B 4 2.27 -11.37 27.26
C ASP B 4 3.36 -12.06 26.44
N GLU B 5 3.13 -13.33 26.11
CA GLU B 5 4.10 -14.12 25.36
C GLU B 5 3.43 -14.76 24.15
N ILE B 6 4.11 -14.73 23.01
CA ILE B 6 3.55 -15.33 21.80
C ILE B 6 4.47 -16.36 21.17
N THR B 7 3.87 -17.37 20.56
N THR B 7 3.87 -17.37 20.56
CA THR B 7 4.60 -18.40 19.83
CA THR B 7 4.64 -18.37 19.82
C THR B 7 4.31 -18.26 18.34
C THR B 7 4.32 -18.28 18.34
N THR B 8 5.37 -18.28 17.52
CA THR B 8 5.21 -18.20 16.07
C THR B 8 6.16 -19.18 15.39
N ALA B 9 6.46 -18.96 14.12
CA ALA B 9 7.25 -19.93 13.36
C ALA B 9 8.14 -19.32 12.28
N TRP B 10 9.17 -20.07 11.89
CA TRP B 10 10.04 -19.71 10.79
C TRP B 10 10.70 -20.97 10.25
N PRO B 11 10.87 -21.06 8.90
CA PRO B 11 11.44 -22.24 8.27
C PRO B 11 12.81 -22.63 8.80
N VAL B 12 13.63 -21.65 9.15
CA VAL B 12 14.97 -21.92 9.69
C VAL B 12 15.21 -21.12 10.97
N ASN B 13 16.32 -21.41 11.64
CA ASN B 13 16.73 -20.61 12.79
C ASN B 13 17.12 -19.21 12.35
N VAL B 14 17.30 -18.32 13.31
CA VAL B 14 17.57 -16.91 13.02
C VAL B 14 19.04 -16.66 12.69
N GLY B 15 19.86 -17.70 12.83
CA GLY B 15 21.29 -17.56 12.59
C GLY B 15 22.00 -16.90 13.77
N PRO B 16 23.32 -16.70 13.64
CA PRO B 16 24.17 -16.12 14.68
C PRO B 16 23.87 -14.65 14.96
N LEU B 17 22.99 -14.05 14.15
CA LEU B 17 22.64 -12.64 14.27
C LEU B 17 23.86 -11.72 14.18
N ASN B 18 24.73 -11.99 13.21
CA ASN B 18 25.78 -11.05 12.85
C ASN B 18 25.13 -9.93 12.05
N PRO B 19 25.30 -8.68 12.52
CA PRO B 19 24.60 -7.56 11.88
C PRO B 19 25.15 -7.19 10.50
N HIS B 20 26.37 -7.64 10.19
CA HIS B 20 27.05 -7.19 8.98
C HIS B 20 27.21 -8.29 7.94
N LEU B 21 26.68 -9.48 8.25
CA LEU B 21 26.77 -10.60 7.32
C LEU B 21 25.38 -11.06 6.87
N TYR B 22 25.37 -11.99 5.92
CA TYR B 22 24.13 -12.41 5.28
C TYR B 22 23.71 -13.81 5.73
N THR B 23 23.49 -14.72 4.79
N THR B 23 23.50 -14.71 4.78
CA THR B 23 23.07 -16.07 5.13
CA THR B 23 23.15 -16.11 5.07
C THR B 23 24.11 -16.71 6.05
C THR B 23 24.15 -16.74 6.04
N PRO B 24 23.66 -17.47 7.06
CA PRO B 24 22.26 -17.80 7.35
C PRO B 24 21.52 -16.88 8.31
N ASN B 25 21.92 -15.60 8.39
CA ASN B 25 21.21 -14.67 9.25
C ASN B 25 19.89 -14.23 8.63
N GLN B 26 18.82 -14.34 9.40
CA GLN B 26 17.51 -13.89 8.95
C GLN B 26 17.37 -12.38 9.16
N MET B 27 17.03 -11.67 8.08
CA MET B 27 16.93 -10.22 8.11
C MET B 27 15.97 -9.69 9.18
N PHE B 28 14.86 -10.40 9.37
CA PHE B 28 13.85 -9.96 10.33
C PHE B 28 14.40 -10.01 11.76
N ALA B 29 15.25 -10.99 12.02
CA ALA B 29 15.83 -11.17 13.34
C ALA B 29 16.99 -10.20 13.56
N GLN B 30 17.61 -9.79 12.46
CA GLN B 30 18.65 -8.78 12.51
C GLN B 30 18.04 -7.40 12.76
N SER B 31 16.77 -7.27 12.39
CA SER B 31 16.05 -5.99 12.55
C SER B 31 15.32 -5.91 13.88
N MET B 32 15.17 -7.05 14.54
CA MET B 32 14.60 -7.08 15.90
C MET B 32 15.66 -6.63 16.90
N VAL B 33 16.89 -7.03 16.65
CA VAL B 33 17.98 -6.82 17.61
C VAL B 33 18.82 -5.59 17.29
N TYR B 34 19.08 -5.35 16.01
CA TYR B 34 19.90 -4.21 15.62
C TYR B 34 19.06 -3.10 14.99
N GLU B 35 19.57 -1.87 15.08
CA GLU B 35 18.85 -0.70 14.62
C GLU B 35 19.72 0.17 13.74
N PRO B 36 19.11 0.91 12.79
CA PRO B 36 19.82 1.83 11.90
C PRO B 36 19.94 3.23 12.49
N LEU B 37 20.69 4.11 11.82
CA LEU B 37 20.68 5.52 12.19
C LEU B 37 19.31 6.12 11.94
N VAL B 38 18.75 5.78 10.78
CA VAL B 38 17.51 6.37 10.33
C VAL B 38 16.58 5.25 9.87
N LYS B 39 15.29 5.40 10.15
CA LYS B 39 14.34 4.32 9.88
C LYS B 39 13.39 4.64 8.73
N TYR B 40 13.23 3.68 7.83
CA TYR B 40 12.41 3.87 6.64
C TYR B 40 10.92 3.86 6.96
N GLN B 41 10.17 4.75 6.31
CA GLN B 41 8.73 4.84 6.51
C GLN B 41 7.96 4.36 5.28
N ALA B 42 6.67 4.09 5.46
CA ALA B 42 5.86 3.53 4.38
C ALA B 42 5.62 4.54 3.24
N ASP B 43 5.63 5.82 3.56
CA ASP B 43 5.38 6.85 2.55
C ASP B 43 6.61 7.11 1.69
N GLY B 44 7.70 6.42 1.99
CA GLY B 44 8.91 6.51 1.19
C GLY B 44 10.05 7.23 1.89
N SER B 45 9.74 8.01 2.91
CA SER B 45 10.75 8.81 3.60
C SER B 45 11.40 8.05 4.76
N VAL B 46 12.35 8.69 5.42
CA VAL B 46 12.96 8.11 6.61
C VAL B 46 12.92 9.10 7.77
N ILE B 47 12.80 8.58 8.99
CA ILE B 47 12.75 9.40 10.19
C ILE B 47 13.88 9.05 11.14
N PRO B 48 14.32 10.02 11.97
CA PRO B 48 15.36 9.80 12.98
C PRO B 48 15.13 8.54 13.81
N TRP B 49 16.20 7.79 14.06
CA TRP B 49 16.11 6.62 14.92
C TRP B 49 17.23 6.61 15.95
N LEU B 50 18.36 5.98 15.62
CA LEU B 50 19.53 6.06 16.48
C LEU B 50 20.15 7.44 16.36
N ALA B 51 20.05 8.03 15.17
CA ALA B 51 20.45 9.41 14.94
C ALA B 51 19.24 10.34 15.03
N LYS B 52 19.31 11.32 15.94
CA LYS B 52 18.22 12.25 16.14
C LYS B 52 18.13 13.26 15.01
N SER B 53 19.30 13.73 14.60
CA SER B 53 19.37 14.81 13.65
C SER B 53 20.53 14.54 12.73
N TRP B 54 20.52 15.23 11.60
CA TRP B 54 21.65 15.19 10.70
C TRP B 54 21.63 16.44 9.84
N THR B 55 22.82 16.93 9.54
CA THR B 55 22.99 18.00 8.57
C THR B 55 23.78 17.46 7.39
N HIS B 56 23.47 18.00 6.21
CA HIS B 56 24.29 17.74 5.04
C HIS B 56 24.73 19.15 4.62
N SER B 57 25.77 19.22 3.81
CA SER B 57 26.53 20.45 3.59
C SER B 57 26.41 20.82 2.08
N GLU B 58 27.56 21.15 1.47
CA GLU B 58 28.21 20.36 0.37
C GLU B 58 27.62 20.27 -1.12
N ASP B 59 27.36 19.05 -1.57
CA ASP B 59 27.45 18.49 -2.91
C ASP B 59 27.03 17.01 -2.78
N GLY B 60 26.26 16.67 -1.75
CA GLY B 60 25.77 15.32 -1.55
C GLY B 60 26.51 14.49 -0.52
N LYS B 61 27.79 14.82 -0.34
CA LYS B 61 28.87 13.95 0.17
C LYS B 61 28.98 13.86 1.71
N THR B 62 29.22 15.01 2.32
CA THR B 62 29.53 15.07 3.75
C THR B 62 28.28 15.17 4.61
N TRP B 63 28.00 14.10 5.35
CA TRP B 63 26.87 14.07 6.25
C TRP B 63 27.36 14.00 7.69
N THR B 64 26.72 14.78 8.56
CA THR B 64 27.10 14.82 9.96
C THR B 64 25.90 14.50 10.85
N PHE B 65 25.85 13.27 11.35
CA PHE B 65 24.74 12.82 12.16
C PHE B 65 24.97 13.10 13.66
N THR B 66 23.89 13.44 14.35
CA THR B 66 23.95 13.68 15.80
C THR B 66 23.11 12.64 16.54
N LEU B 67 23.78 11.74 17.25
CA LEU B 67 23.13 10.56 17.83
C LEU B 67 22.38 10.81 19.14
N ARG B 68 21.56 9.84 19.55
CA ARG B 68 20.89 9.92 20.84
C ARG B 68 21.94 9.65 21.93
N ASP B 69 21.76 10.28 23.08
CA ASP B 69 22.73 10.13 24.16
C ASP B 69 22.34 9.05 25.18
N ASP B 70 21.12 8.53 25.07
CA ASP B 70 20.61 7.63 26.10
C ASP B 70 20.40 6.19 25.63
N VAL B 71 21.15 5.77 24.62
CA VAL B 71 20.99 4.44 24.06
C VAL B 71 22.09 3.49 24.53
N LYS B 72 21.70 2.46 25.28
CA LYS B 72 22.64 1.45 25.74
C LYS B 72 22.40 0.10 25.06
N PHE B 73 23.48 -0.59 24.71
CA PHE B 73 23.39 -1.92 24.14
C PHE B 73 22.76 -2.89 25.13
N SER B 74 22.29 -4.02 24.61
CA SER B 74 21.63 -5.07 25.39
C SER B 74 22.30 -5.38 26.73
N ASN B 75 23.62 -5.34 26.74
CA ASN B 75 24.41 -5.75 27.90
C ASN B 75 24.67 -4.62 28.90
N GLY B 76 24.31 -3.41 28.53
CA GLY B 76 24.55 -2.26 29.38
C GLY B 76 25.45 -1.23 28.71
N GLU B 77 26.46 -1.72 27.99
CA GLU B 77 27.43 -0.87 27.30
C GLU B 77 26.75 0.19 26.44
N PRO B 78 27.31 1.40 26.42
CA PRO B 78 26.67 2.56 25.78
C PRO B 78 26.83 2.60 24.27
N PHE B 79 25.77 3.00 23.56
CA PHE B 79 25.88 3.28 22.15
C PHE B 79 26.28 4.75 21.96
N ASP B 80 27.36 4.95 21.22
CA ASP B 80 27.85 6.30 20.92
C ASP B 80 28.52 6.30 19.55
N ALA B 81 29.26 7.37 19.24
CA ALA B 81 29.61 7.70 17.86
C ALA B 81 30.62 6.78 17.16
N GLU B 82 31.57 6.17 17.85
CA GLU B 82 32.36 5.19 17.12
C GLU B 82 32.17 3.79 17.68
N ALA B 83 31.15 3.61 18.51
CA ALA B 83 30.53 2.30 18.59
C ALA B 83 29.84 2.16 17.23
N ALA B 84 29.43 3.31 16.71
CA ALA B 84 28.87 3.41 15.38
C ALA B 84 29.96 3.36 14.30
N ALA B 85 31.02 4.15 14.45
CA ALA B 85 32.08 4.21 13.46
C ALA B 85 32.92 2.93 13.43
N GLU B 86 33.03 2.24 14.55
CA GLU B 86 33.68 0.93 14.56
C GLU B 86 32.86 -0.05 13.73
N ASN B 87 31.54 0.01 13.90
CA ASN B 87 30.63 -0.84 13.14
C ASN B 87 30.75 -0.57 11.63
N PHE B 88 30.73 0.71 11.26
CA PHE B 88 30.90 1.09 9.85
C PHE B 88 32.22 0.58 9.31
N ARG B 89 33.28 0.68 10.11
CA ARG B 89 34.60 0.20 9.73
C ARG B 89 34.57 -1.30 9.50
N ALA B 90 33.99 -2.04 10.43
CA ALA B 90 33.90 -3.50 10.35
C ALA B 90 33.15 -3.93 9.10
N VAL B 91 32.16 -3.13 8.71
CA VAL B 91 31.40 -3.38 7.49
C VAL B 91 32.25 -3.14 6.25
N LEU B 92 32.82 -1.94 6.15
CA LEU B 92 33.51 -1.52 4.94
C LEU B 92 34.86 -2.21 4.73
N ASP B 93 35.36 -2.88 5.76
CA ASP B 93 36.58 -3.67 5.63
C ASP B 93 36.33 -4.85 4.70
N ASN B 94 35.10 -5.34 4.69
CA ASN B 94 34.67 -6.42 3.82
C ASN B 94 33.84 -5.86 2.66
N ARG B 95 34.38 -4.83 2.01
CA ARG B 95 33.62 -4.05 1.04
C ARG B 95 33.23 -4.85 -0.21
N GLN B 96 34.05 -5.82 -0.59
CA GLN B 96 33.77 -6.63 -1.78
C GLN B 96 32.44 -7.37 -1.66
N ARG B 97 32.07 -7.70 -0.42
CA ARG B 97 30.91 -8.56 -0.17
C ARG B 97 29.61 -7.77 -0.26
N HIS B 98 29.71 -6.46 -0.12
CA HIS B 98 28.53 -5.60 -0.12
C HIS B 98 28.43 -4.82 -1.43
N ALA B 99 28.99 -5.37 -2.49
CA ALA B 99 29.03 -4.71 -3.79
C ALA B 99 27.64 -4.54 -4.40
N TRP B 100 26.71 -5.40 -4.00
CA TRP B 100 25.33 -5.31 -4.48
C TRP B 100 24.71 -3.99 -4.07
N LEU B 101 25.12 -3.51 -2.90
CA LEU B 101 24.64 -2.25 -2.36
C LEU B 101 25.60 -1.12 -2.71
N GLU B 102 25.16 -0.20 -3.55
CA GLU B 102 26.03 0.85 -4.10
C GLU B 102 26.55 1.80 -3.03
N LEU B 103 25.83 1.92 -1.91
CA LEU B 103 26.29 2.72 -0.78
C LEU B 103 27.62 2.21 -0.29
N ALA B 104 27.71 0.89 -0.17
CA ALA B 104 28.94 0.30 0.29
C ALA B 104 30.16 0.57 -0.61
N ASN B 105 30.05 1.27 -1.74
CA ASN B 105 31.30 1.53 -2.44
C ASN B 105 31.07 2.96 -2.89
N GLN B 106 30.35 3.69 -2.04
CA GLN B 106 30.30 5.15 -2.04
C GLN B 106 31.03 5.67 -0.82
N ILE B 107 30.68 5.14 0.35
CA ILE B 107 31.25 5.62 1.62
C ILE B 107 32.78 5.53 1.65
N VAL B 108 33.45 6.68 1.69
CA VAL B 108 34.91 6.73 1.74
C VAL B 108 35.42 6.78 3.20
N ASP B 109 34.66 7.35 4.15
CA ASP B 109 35.14 7.45 5.55
C ASP B 109 34.06 7.84 6.63
N VAL B 110 34.11 7.18 7.79
CA VAL B 110 33.15 7.39 8.90
C VAL B 110 33.84 7.75 10.23
N LYS B 111 33.67 9.01 10.68
CA LYS B 111 34.40 9.58 11.84
C LYS B 111 33.53 10.00 13.04
N ALA B 112 34.08 9.78 14.24
CA ALA B 112 33.46 10.28 15.46
C ALA B 112 34.05 11.63 15.90
N LEU B 113 33.46 12.72 15.42
CA LEU B 113 33.88 14.08 15.77
C LEU B 113 33.74 14.31 17.27
N SER B 114 32.51 14.19 17.75
CA SER B 114 32.23 14.08 19.18
C SER B 114 31.49 12.77 19.38
N LYS B 115 31.25 12.37 20.62
CA LYS B 115 30.70 11.03 20.82
C LYS B 115 29.18 11.03 20.79
N THR B 116 28.61 12.14 20.34
CA THR B 116 27.23 12.19 19.91
C THR B 116 27.23 12.62 18.45
N GLU B 117 28.43 12.92 17.95
CA GLU B 117 28.60 13.39 16.57
C GLU B 117 29.24 12.34 15.68
N LEU B 118 28.55 12.00 14.59
CA LEU B 118 29.08 11.04 13.63
C LEU B 118 29.07 11.60 12.22
N GLN B 119 30.22 11.52 11.54
CA GLN B 119 30.34 12.05 10.19
C GLN B 119 30.58 10.94 9.17
N ILE B 120 29.85 11.00 8.05
CA ILE B 120 30.04 10.07 6.95
C ILE B 120 30.22 10.83 5.64
N THR B 121 31.17 10.40 4.83
CA THR B 121 31.54 11.10 3.60
C THR B 121 31.61 10.04 2.48
N LEU B 122 31.02 10.35 1.31
CA LEU B 122 30.79 9.36 0.25
C LEU B 122 31.72 9.61 -0.95
N LYS B 123 31.40 9.12 -2.14
CA LYS B 123 32.19 9.41 -3.35
C LYS B 123 31.26 9.89 -4.49
N SER B 124 30.02 10.18 -4.11
CA SER B 124 29.10 10.95 -4.96
C SER B 124 27.86 11.37 -4.16
N ALA B 125 27.15 12.40 -4.62
CA ALA B 125 25.87 12.76 -4.03
C ALA B 125 24.91 11.57 -4.16
N TYR B 126 25.06 10.58 -3.28
CA TYR B 126 24.29 9.36 -3.41
C TYR B 126 22.82 9.58 -3.07
N TYR B 127 21.97 9.50 -4.08
CA TYR B 127 20.55 9.75 -3.94
C TYR B 127 19.84 8.82 -2.93
N PRO B 128 20.09 7.50 -2.99
CA PRO B 128 19.40 6.69 -1.99
C PRO B 128 20.19 6.52 -0.70
N PHE B 129 20.99 7.50 -0.31
CA PHE B 129 21.83 7.39 0.88
C PHE B 129 21.03 6.93 2.08
N LEU B 130 20.11 7.77 2.55
CA LEU B 130 19.34 7.50 3.76
C LEU B 130 18.47 6.23 3.66
N GLN B 131 18.13 5.82 2.45
CA GLN B 131 17.32 4.62 2.26
C GLN B 131 18.12 3.34 2.51
N GLU B 132 19.41 3.39 2.18
CA GLU B 132 20.25 2.20 2.29
C GLU B 132 20.84 2.04 3.69
N LEU B 133 20.86 3.12 4.48
CA LEU B 133 21.21 3.00 5.89
C LEU B 133 20.04 2.44 6.70
N ALA B 134 18.83 2.58 6.16
CA ALA B 134 17.63 2.14 6.85
C ALA B 134 17.44 0.63 6.69
N LEU B 135 18.12 0.06 5.69
CA LEU B 135 18.04 -1.36 5.39
C LEU B 135 18.35 -2.21 6.61
N PRO B 136 17.74 -3.40 6.70
CA PRO B 136 17.98 -4.37 7.78
C PRO B 136 19.46 -4.70 7.93
N ARG B 137 20.21 -4.65 6.83
CA ARG B 137 21.64 -4.90 6.84
C ARG B 137 22.27 -4.23 5.62
N PRO B 138 23.59 -3.98 5.64
CA PRO B 138 24.59 -4.32 6.66
C PRO B 138 24.89 -3.22 7.68
N PHE B 139 24.27 -2.05 7.54
CA PHE B 139 24.65 -0.90 8.35
C PHE B 139 23.81 -0.75 9.62
N ARG B 140 23.87 -1.77 10.47
CA ARG B 140 23.27 -1.71 11.80
C ARG B 140 24.30 -2.15 12.84
N PHE B 141 23.97 -2.02 14.12
CA PHE B 141 25.02 -1.89 15.13
C PHE B 141 25.03 -2.89 16.29
N ILE B 142 26.08 -3.69 16.31
CA ILE B 142 26.40 -4.58 17.41
C ILE B 142 27.41 -3.88 18.32
N ALA B 143 27.46 -4.28 19.58
CA ALA B 143 28.43 -3.71 20.51
C ALA B 143 29.84 -4.13 20.12
N PRO B 144 30.75 -3.14 20.02
CA PRO B 144 32.14 -3.36 19.60
C PRO B 144 32.90 -4.35 20.48
N SER B 145 32.36 -4.70 21.63
CA SER B 145 32.97 -5.69 22.50
C SER B 145 32.80 -7.08 21.92
N GLN B 146 31.80 -7.25 21.06
CA GLN B 146 31.48 -8.56 20.51
C GLN B 146 32.15 -8.79 19.16
N PHE B 147 33.04 -7.87 18.78
CA PHE B 147 33.90 -8.08 17.62
C PHE B 147 34.79 -9.30 17.87
N LYS B 148 35.39 -9.82 16.81
CA LYS B 148 36.43 -10.83 16.97
C LYS B 148 37.69 -10.35 16.28
N ASN B 149 38.67 -9.93 17.10
CA ASN B 149 39.91 -9.33 16.62
C ASN B 149 39.63 -8.09 15.79
N HIS B 150 38.77 -7.22 16.32
CA HIS B 150 38.43 -5.92 15.73
C HIS B 150 37.70 -6.02 14.39
N GLU B 151 37.16 -7.19 14.09
CA GLU B 151 36.39 -7.37 12.86
CA GLU B 151 36.40 -7.40 12.86
C GLU B 151 35.09 -8.13 13.13
N THR B 152 34.20 -8.14 12.13
CA THR B 152 32.95 -8.88 12.22
C THR B 152 32.83 -9.88 11.08
N MET B 153 33.65 -9.70 10.05
CA MET B 153 33.55 -10.48 8.83
C MET B 153 33.94 -11.95 9.02
N ASN B 154 34.62 -12.24 10.12
CA ASN B 154 34.99 -13.62 10.42
C ASN B 154 34.11 -14.17 11.55
N GLY B 155 33.25 -13.31 12.08
CA GLY B 155 32.34 -13.71 13.14
C GLY B 155 32.22 -12.71 14.27
N ILE B 156 31.27 -12.96 15.16
CA ILE B 156 31.09 -12.14 16.36
C ILE B 156 30.96 -13.05 17.57
N LYS B 157 30.98 -12.47 18.76
CA LYS B 157 30.79 -13.26 19.97
C LYS B 157 29.30 -13.35 20.31
N ALA B 158 28.79 -12.38 21.06
CA ALA B 158 27.37 -12.37 21.40
C ALA B 158 26.60 -11.37 20.52
N PRO B 159 25.39 -11.75 20.09
CA PRO B 159 24.53 -10.88 19.29
C PRO B 159 23.92 -9.75 20.11
N ILE B 160 24.75 -8.77 20.47
CA ILE B 160 24.31 -7.69 21.35
C ILE B 160 24.00 -6.41 20.58
N GLY B 161 22.70 -6.09 20.48
CA GLY B 161 22.26 -4.90 19.79
C GLY B 161 21.49 -3.95 20.68
N THR B 162 21.15 -2.78 20.13
CA THR B 162 20.44 -1.76 20.89
C THR B 162 18.92 -1.94 20.82
N GLY B 163 18.49 -2.89 20.00
CA GLY B 163 17.09 -3.06 19.69
C GLY B 163 16.18 -3.44 20.86
N PRO B 164 14.87 -3.48 20.59
CA PRO B 164 13.82 -3.80 21.58
C PRO B 164 13.72 -5.29 21.88
N TRP B 165 14.51 -6.11 21.19
CA TRP B 165 14.48 -7.55 21.43
C TRP B 165 15.88 -8.10 21.67
N ILE B 166 15.94 -9.21 22.41
CA ILE B 166 17.20 -9.86 22.76
C ILE B 166 17.11 -11.35 22.49
N LEU B 167 18.12 -11.90 21.82
CA LEU B 167 18.18 -13.33 21.61
C LEU B 167 18.54 -14.02 22.93
N GLN B 168 17.66 -14.93 23.38
CA GLN B 168 17.86 -15.60 24.66
C GLN B 168 18.50 -16.97 24.48
N GLU B 169 17.78 -17.88 23.83
CA GLU B 169 18.31 -19.21 23.56
C GLU B 169 18.02 -19.63 22.13
N SER B 170 18.95 -20.37 21.53
N SER B 170 18.96 -20.34 21.53
CA SER B 170 18.83 -20.77 20.14
CA SER B 170 18.82 -20.78 20.14
C SER B 170 19.12 -22.27 19.96
C SER B 170 19.12 -22.27 20.00
N LYS B 171 18.05 -23.06 19.89
CA LYS B 171 18.19 -24.49 19.73
C LYS B 171 18.03 -24.89 18.27
N LEU B 172 19.13 -25.35 17.67
CA LEU B 172 19.20 -25.63 16.24
C LEU B 172 18.15 -26.65 15.80
N ASN B 173 17.45 -26.33 14.70
CA ASN B 173 16.37 -27.16 14.17
C ASN B 173 15.22 -27.31 15.16
N GLN B 174 15.23 -26.52 16.22
CA GLN B 174 14.20 -26.61 17.25
C GLN B 174 13.47 -25.29 17.40
N TYR B 175 14.12 -24.32 18.05
CA TYR B 175 13.50 -23.03 18.30
C TYR B 175 14.49 -21.93 18.64
N ASP B 176 14.06 -20.68 18.50
CA ASP B 176 14.81 -19.53 18.97
C ASP B 176 13.88 -18.68 19.83
N VAL B 177 14.39 -18.19 20.95
CA VAL B 177 13.56 -17.41 21.86
C VAL B 177 14.07 -15.99 22.05
N PHE B 178 13.24 -15.02 21.72
CA PHE B 178 13.54 -13.61 21.96
C PHE B 178 12.78 -13.11 23.18
N VAL B 179 13.46 -12.35 24.03
CA VAL B 179 12.80 -11.65 25.11
C VAL B 179 12.92 -10.15 24.90
N ARG B 180 12.06 -9.40 25.56
CA ARG B 180 12.05 -7.95 25.45
C ARG B 180 13.33 -7.34 25.99
N ASN B 181 13.76 -6.23 25.39
CA ASN B 181 14.82 -5.41 25.96
C ASN B 181 14.22 -4.45 26.98
N GLU B 182 14.32 -4.80 28.26
CA GLU B 182 13.68 -4.02 29.32
C GLU B 182 14.41 -2.73 29.61
N ASN B 183 15.62 -2.59 29.07
CA ASN B 183 16.34 -1.32 29.11
C ASN B 183 16.41 -0.70 27.72
N TYR B 184 15.30 -0.78 26.98
CA TYR B 184 15.23 -0.22 25.63
C TYR B 184 14.94 1.28 25.65
N TRP B 185 15.64 2.02 24.79
CA TRP B 185 15.52 3.48 24.75
C TRP B 185 14.13 3.95 24.32
N GLY B 186 13.57 3.33 23.29
CA GLY B 186 12.27 3.71 22.79
C GLY B 186 11.16 3.09 23.60
N GLU B 187 9.92 3.18 23.12
CA GLU B 187 8.80 2.69 23.90
C GLU B 187 8.76 1.16 23.84
N LYS B 188 8.28 0.55 24.91
CA LYS B 188 8.41 -0.88 25.14
C LYS B 188 7.30 -1.71 24.51
N PRO B 189 7.67 -2.87 23.94
CA PRO B 189 6.71 -3.83 23.38
C PRO B 189 5.76 -4.35 24.45
N ALA B 190 4.49 -4.51 24.11
CA ALA B 190 3.52 -5.07 25.05
C ALA B 190 3.78 -6.56 25.25
N ILE B 191 4.51 -7.15 24.32
CA ILE B 191 4.87 -8.56 24.38
C ILE B 191 6.24 -8.75 25.04
N LYS B 192 6.29 -9.61 26.04
CA LYS B 192 7.51 -9.84 26.80
C LYS B 192 8.44 -10.82 26.11
N LYS B 193 7.89 -11.90 25.57
CA LYS B 193 8.69 -12.95 24.97
C LYS B 193 8.11 -13.47 23.65
N ILE B 194 8.99 -13.68 22.68
CA ILE B 194 8.60 -14.28 21.41
C ILE B 194 9.35 -15.58 21.19
N THR B 195 8.63 -16.64 20.82
CA THR B 195 9.25 -17.92 20.55
C THR B 195 9.03 -18.35 19.10
N PHE B 196 10.13 -18.65 18.41
CA PHE B 196 10.07 -19.09 17.03
C PHE B 196 10.30 -20.60 16.93
N ASN B 197 9.27 -21.34 16.55
CA ASN B 197 9.41 -22.78 16.35
C ASN B 197 9.86 -23.09 14.92
N VAL B 198 11.03 -23.71 14.79
CA VAL B 198 11.60 -24.03 13.48
C VAL B 198 10.73 -25.05 12.76
N ILE B 199 9.91 -24.57 11.82
CA ILE B 199 9.00 -25.43 11.07
C ILE B 199 9.16 -25.20 9.56
N PRO B 200 9.93 -26.08 8.91
CA PRO B 200 10.28 -25.98 7.49
C PRO B 200 9.09 -25.98 6.52
N ASP B 201 8.16 -26.92 6.68
CA ASP B 201 7.11 -27.14 5.68
C ASP B 201 5.91 -26.23 6.01
N PRO B 202 5.44 -25.49 4.99
CA PRO B 202 4.24 -24.63 5.02
C PRO B 202 2.99 -25.34 5.53
N THR B 203 2.78 -26.58 5.14
CA THR B 203 1.63 -27.35 5.63
C THR B 203 1.75 -27.57 7.13
N THR B 204 2.94 -27.94 7.58
CA THR B 204 3.19 -28.18 8.99
C THR B 204 3.04 -26.88 9.79
N ARG B 205 3.36 -25.75 9.16
CA ARG B 205 3.15 -24.44 9.79
C ARG B 205 1.66 -24.16 9.92
N ALA B 206 0.89 -24.56 8.92
CA ALA B 206 -0.55 -24.40 8.95
C ALA B 206 -1.16 -25.24 10.07
N VAL B 207 -0.75 -26.51 10.13
CA VAL B 207 -1.23 -27.43 11.15
C VAL B 207 -0.92 -26.92 12.56
N ALA B 208 0.31 -26.47 12.76
CA ALA B 208 0.75 -25.96 14.06
C ALA B 208 -0.12 -24.79 14.53
N PHE B 209 -0.74 -24.11 13.58
CA PHE B 209 -1.62 -22.99 13.91
C PHE B 209 -3.01 -23.44 14.33
N GLU B 210 -3.62 -24.30 13.52
CA GLU B 210 -4.98 -24.78 13.79
C GLU B 210 -5.04 -25.54 15.11
N THR B 211 -3.94 -26.17 15.49
CA THR B 211 -3.87 -26.91 16.74
C THR B 211 -3.58 -25.98 17.92
N GLY B 212 -3.35 -24.71 17.62
CA GLY B 212 -3.17 -23.71 18.65
C GLY B 212 -1.77 -23.62 19.24
N ASP B 213 -0.84 -24.38 18.68
CA ASP B 213 0.54 -24.38 19.17
C ASP B 213 1.21 -23.03 18.96
N ILE B 214 0.90 -22.37 17.85
CA ILE B 214 1.45 -21.05 17.56
C ILE B 214 0.34 -20.00 17.50
N ASP B 215 0.73 -18.74 17.72
CA ASP B 215 -0.24 -17.65 17.75
C ASP B 215 -0.25 -16.85 16.46
N LEU B 216 0.85 -16.89 15.72
CA LEU B 216 1.05 -15.95 14.63
C LEU B 216 1.86 -16.52 13.46
N LEU B 217 1.39 -16.22 12.25
CA LEU B 217 2.17 -16.49 11.03
C LEU B 217 2.26 -15.21 10.20
N TYR B 218 3.48 -14.85 9.82
CA TYR B 218 3.73 -13.58 9.15
C TYR B 218 4.84 -13.74 8.11
N GLY B 219 4.45 -13.98 6.86
CA GLY B 219 5.41 -14.18 5.79
C GLY B 219 4.81 -13.86 4.43
N ASN B 220 5.56 -14.12 3.36
CA ASN B 220 5.08 -13.84 2.02
C ASN B 220 4.15 -14.94 1.50
N GLU B 221 4.14 -15.15 0.18
CA GLU B 221 3.18 -16.05 -0.44
C GLU B 221 3.43 -17.52 -0.11
N GLY B 222 4.61 -17.83 0.42
CA GLY B 222 4.96 -19.19 0.75
C GLY B 222 4.84 -19.51 2.23
N LEU B 223 4.13 -18.65 2.96
CA LEU B 223 3.96 -18.81 4.41
C LEU B 223 3.18 -20.08 4.75
N LEU B 224 2.14 -20.35 3.98
CA LEU B 224 1.32 -21.54 4.18
C LEU B 224 0.56 -21.84 2.89
N PRO B 225 0.09 -23.08 2.71
CA PRO B 225 -0.69 -23.43 1.51
C PRO B 225 -1.83 -22.46 1.26
N LEU B 226 -1.87 -21.90 0.05
CA LEU B 226 -2.79 -20.82 -0.27
C LEU B 226 -4.24 -21.28 -0.37
N ASP B 227 -4.44 -22.58 -0.48
CA ASP B 227 -5.78 -23.15 -0.40
C ASP B 227 -6.22 -23.20 1.05
N THR B 228 -5.26 -23.42 1.93
CA THR B 228 -5.51 -23.49 3.36
C THR B 228 -5.71 -22.09 3.93
N PHE B 229 -4.91 -21.14 3.43
CA PHE B 229 -5.04 -19.74 3.81
C PHE B 229 -6.42 -19.22 3.46
N ALA B 230 -6.91 -19.60 2.29
CA ALA B 230 -8.25 -19.22 1.85
C ALA B 230 -9.30 -19.80 2.79
N ARG B 231 -9.08 -21.05 3.20
CA ARG B 231 -10.00 -21.71 4.11
CA ARG B 231 -10.00 -21.72 4.11
C ARG B 231 -9.99 -21.03 5.47
N PHE B 232 -8.82 -20.58 5.90
CA PHE B 232 -8.68 -19.86 7.16
C PHE B 232 -9.46 -18.55 7.12
N SER B 233 -9.41 -17.87 5.98
CA SER B 233 -10.04 -16.57 5.81
C SER B 233 -11.55 -16.65 5.96
N GLN B 234 -12.11 -17.82 5.72
CA GLN B 234 -13.56 -18.01 5.81
C GLN B 234 -13.98 -18.55 7.17
N ASN B 235 -12.99 -18.97 7.97
CA ASN B 235 -13.26 -19.46 9.31
C ASN B 235 -13.19 -18.34 10.33
N PRO B 236 -14.32 -18.03 10.98
CA PRO B 236 -14.36 -16.99 12.01
C PRO B 236 -13.56 -17.37 13.26
N ALA B 237 -13.07 -18.61 13.30
CA ALA B 237 -12.22 -19.02 14.41
C ALA B 237 -10.82 -18.43 14.30
N TYR B 238 -10.46 -17.98 13.09
CA TYR B 238 -9.13 -17.43 12.85
C TYR B 238 -9.21 -15.99 12.37
N HIS B 239 -8.05 -15.34 12.31
CA HIS B 239 -7.93 -14.02 11.69
C HIS B 239 -6.90 -14.06 10.58
N THR B 240 -7.31 -13.65 9.38
CA THR B 240 -6.40 -13.60 8.24
C THR B 240 -6.27 -12.18 7.71
N GLN B 241 -5.10 -11.86 7.20
CA GLN B 241 -4.86 -10.58 6.57
C GLN B 241 -4.09 -10.75 5.27
N LEU B 242 -4.27 -9.79 4.36
CA LEU B 242 -3.56 -9.76 3.11
C LEU B 242 -3.18 -8.32 2.81
N SER B 243 -1.89 -8.01 2.85
CA SER B 243 -1.45 -6.66 2.56
C SER B 243 -1.68 -6.32 1.10
N GLN B 244 -1.38 -5.09 0.72
CA GLN B 244 -1.29 -4.76 -0.70
C GLN B 244 0.04 -5.28 -1.22
N PRO B 245 0.11 -5.59 -2.53
CA PRO B 245 1.31 -6.17 -3.15
C PRO B 245 2.61 -5.45 -2.77
N ILE B 246 3.64 -6.22 -2.45
CA ILE B 246 4.92 -5.66 -2.02
C ILE B 246 6.02 -5.86 -3.06
N GLU B 247 5.94 -6.93 -3.84
CA GLU B 247 6.99 -7.22 -4.80
C GLU B 247 6.52 -8.10 -5.96
N THR B 248 7.38 -8.21 -6.97
CA THR B 248 7.05 -8.99 -8.16
C THR B 248 7.62 -10.40 -8.05
N VAL B 249 6.83 -11.40 -8.44
CA VAL B 249 7.31 -12.76 -8.61
C VAL B 249 7.27 -13.05 -10.11
N MET B 250 8.23 -13.82 -10.60
CA MET B 250 8.55 -13.80 -12.01
C MET B 250 9.43 -14.97 -12.44
N LEU B 251 9.47 -15.22 -13.74
CA LEU B 251 10.50 -16.09 -14.30
C LEU B 251 11.63 -15.22 -14.82
N ALA B 252 12.86 -15.64 -14.55
CA ALA B 252 14.02 -15.00 -15.15
C ALA B 252 14.51 -15.85 -16.31
N LEU B 253 14.48 -15.30 -17.52
CA LEU B 253 14.83 -16.05 -18.71
C LEU B 253 16.28 -15.81 -19.10
N ASN B 254 17.02 -16.89 -19.35
CA ASN B 254 18.42 -16.79 -19.71
C ASN B 254 18.58 -16.37 -21.18
N THR B 255 19.15 -15.19 -21.39
CA THR B 255 19.36 -14.67 -22.74
C THR B 255 20.65 -15.20 -23.36
N ALA B 256 21.45 -15.91 -22.58
CA ALA B 256 22.74 -16.40 -23.07
C ALA B 256 22.75 -17.92 -23.25
N LYS B 257 21.60 -18.55 -23.04
CA LYS B 257 21.48 -19.99 -23.19
C LYS B 257 20.31 -20.33 -24.09
N ALA B 258 20.57 -21.17 -25.09
CA ALA B 258 19.54 -21.59 -26.04
C ALA B 258 18.49 -22.45 -25.34
N PRO B 259 17.23 -22.37 -25.80
CA PRO B 259 16.77 -21.50 -26.89
C PRO B 259 16.23 -20.15 -26.42
N THR B 260 16.31 -19.87 -25.12
CA THR B 260 15.82 -18.59 -24.59
C THR B 260 16.75 -17.43 -24.98
N ASN B 261 17.80 -17.74 -25.73
CA ASN B 261 18.79 -16.75 -26.14
C ASN B 261 18.26 -15.81 -27.21
N GLU B 262 17.22 -16.25 -27.92
CA GLU B 262 16.62 -15.42 -28.96
C GLU B 262 15.32 -14.76 -28.49
N LEU B 263 15.26 -13.46 -28.75
CA LEU B 263 14.16 -12.60 -28.31
C LEU B 263 12.78 -13.15 -28.66
N ALA B 264 12.66 -13.70 -29.87
CA ALA B 264 11.39 -14.22 -30.36
C ALA B 264 10.88 -15.36 -29.47
N VAL B 265 11.81 -16.15 -28.94
CA VAL B 265 11.46 -17.23 -28.03
C VAL B 265 10.93 -16.66 -26.71
N ARG B 266 11.61 -15.64 -26.20
CA ARG B 266 11.23 -15.02 -24.93
C ARG B 266 9.89 -14.28 -25.01
N GLU B 267 9.67 -13.57 -26.10
CA GLU B 267 8.41 -12.87 -26.31
C GLU B 267 7.25 -13.85 -26.37
N ALA B 268 7.49 -14.97 -27.05
CA ALA B 268 6.47 -16.02 -27.18
C ALA B 268 6.07 -16.57 -25.82
N LEU B 269 7.06 -16.76 -24.96
CA LEU B 269 6.81 -17.27 -23.61
C LEU B 269 5.96 -16.28 -22.80
N ASN B 270 6.16 -15.00 -23.05
CA ASN B 270 5.42 -13.96 -22.33
C ASN B 270 3.97 -13.84 -22.78
N TYR B 271 3.64 -14.47 -23.91
CA TYR B 271 2.26 -14.54 -24.39
C TYR B 271 1.64 -15.89 -24.06
N ALA B 272 2.45 -16.80 -23.53
CA ALA B 272 2.07 -18.20 -23.42
C ALA B 272 1.36 -18.53 -22.10
N VAL B 273 1.71 -17.82 -21.02
CA VAL B 273 1.18 -18.18 -19.71
C VAL B 273 -0.16 -17.50 -19.42
N ASN B 274 -1.15 -18.31 -19.06
CA ASN B 274 -2.43 -17.80 -18.61
C ASN B 274 -2.32 -17.37 -17.14
N LYS B 275 -1.85 -16.14 -16.94
CA LYS B 275 -1.52 -15.65 -15.62
C LYS B 275 -2.73 -15.52 -14.71
N LYS B 276 -3.85 -15.04 -15.25
CA LYS B 276 -5.05 -14.91 -14.46
C LYS B 276 -5.59 -16.28 -14.03
N SER B 277 -5.31 -17.30 -14.83
CA SER B 277 -5.69 -18.65 -14.46
C SER B 277 -4.74 -19.20 -13.40
N LEU B 278 -3.44 -19.07 -13.64
CA LEU B 278 -2.43 -19.54 -12.70
C LEU B 278 -2.67 -18.99 -11.30
N ILE B 279 -2.99 -17.69 -11.23
CA ILE B 279 -3.20 -17.02 -9.97
C ILE B 279 -4.46 -17.51 -9.27
N ASP B 280 -5.51 -17.77 -10.03
CA ASP B 280 -6.75 -18.27 -9.44
C ASP B 280 -6.71 -19.78 -9.25
N ASN B 281 -5.97 -20.48 -10.10
CA ASN B 281 -5.81 -21.93 -9.96
C ASN B 281 -4.84 -22.29 -8.84
N ALA B 282 -3.62 -21.75 -8.91
CA ALA B 282 -2.57 -22.16 -8.00
C ALA B 282 -2.40 -21.23 -6.80
N LEU B 283 -2.67 -19.94 -6.99
CA LEU B 283 -2.48 -18.95 -5.93
CA LEU B 283 -2.49 -18.97 -5.92
C LEU B 283 -3.82 -18.59 -5.27
N TYR B 284 -4.89 -19.25 -5.73
CA TYR B 284 -6.23 -19.09 -5.17
C TYR B 284 -6.67 -17.64 -5.04
N GLY B 285 -6.38 -16.85 -6.07
CA GLY B 285 -6.85 -15.47 -6.17
C GLY B 285 -6.23 -14.50 -5.19
N THR B 286 -5.22 -14.94 -4.45
CA THR B 286 -4.65 -14.13 -3.37
C THR B 286 -3.61 -13.11 -3.84
N GLN B 287 -3.22 -13.17 -5.11
CA GLN B 287 -2.23 -12.23 -5.64
C GLN B 287 -2.71 -11.58 -6.93
N GLN B 288 -2.03 -10.53 -7.37
CA GLN B 288 -2.42 -9.77 -8.55
CA GLN B 288 -2.43 -9.77 -8.56
C GLN B 288 -1.54 -10.08 -9.76
N VAL B 289 -2.14 -10.08 -10.95
CA VAL B 289 -1.40 -10.35 -12.20
C VAL B 289 -0.34 -9.29 -12.49
N ALA B 290 0.86 -9.75 -12.87
CA ALA B 290 1.95 -8.85 -13.22
C ALA B 290 2.18 -8.80 -14.72
N ASP B 291 2.36 -7.58 -15.25
CA ASP B 291 2.63 -7.40 -16.67
C ASP B 291 4.02 -6.85 -16.91
N THR B 292 4.58 -6.20 -15.88
CA THR B 292 5.91 -5.62 -15.98
C THR B 292 6.79 -6.03 -14.80
N LEU B 293 8.09 -5.82 -14.95
CA LEU B 293 9.06 -6.12 -13.88
C LEU B 293 8.67 -5.45 -12.56
N PHE B 294 8.39 -4.16 -12.61
CA PHE B 294 7.91 -3.44 -11.45
C PHE B 294 6.48 -2.98 -11.67
N ALA B 295 5.65 -3.13 -10.64
CA ALA B 295 4.29 -2.61 -10.66
C ALA B 295 4.33 -1.11 -10.94
N PRO B 296 3.31 -0.60 -11.62
CA PRO B 296 3.25 0.83 -11.97
C PRO B 296 3.34 1.74 -10.74
N SER B 297 3.01 1.20 -9.56
CA SER B 297 3.03 1.98 -8.33
C SER B 297 4.43 2.12 -7.74
N VAL B 298 5.36 1.29 -8.20
CA VAL B 298 6.76 1.39 -7.79
C VAL B 298 7.31 2.73 -8.28
N PRO B 299 8.08 3.42 -7.41
CA PRO B 299 8.74 4.68 -7.79
C PRO B 299 9.44 4.63 -9.14
N TYR B 300 9.14 5.61 -10.00
CA TYR B 300 9.75 5.76 -11.33
C TYR B 300 9.38 4.65 -12.31
N ALA B 301 8.39 3.84 -11.98
CA ALA B 301 8.04 2.69 -12.82
C ALA B 301 6.69 2.84 -13.52
N ASN B 302 6.13 4.03 -13.49
CA ASN B 302 4.89 4.29 -14.21
C ASN B 302 5.20 4.85 -15.59
N LEU B 303 5.52 3.96 -16.52
CA LEU B 303 6.08 4.35 -17.81
C LEU B 303 5.14 4.03 -18.98
N GLY B 304 4.04 3.35 -18.68
CA GLY B 304 3.06 3.01 -19.69
C GLY B 304 3.49 1.84 -20.56
N LEU B 305 4.26 0.93 -19.98
CA LEU B 305 4.74 -0.25 -20.71
C LEU B 305 3.58 -1.18 -21.10
N LYS B 306 3.63 -1.68 -22.33
CA LYS B 306 2.55 -2.51 -22.86
C LYS B 306 2.62 -3.95 -22.33
N PRO B 307 1.52 -4.42 -21.71
CA PRO B 307 1.42 -5.79 -21.19
C PRO B 307 1.50 -6.83 -22.29
N SER B 308 2.02 -8.01 -21.96
CA SER B 308 1.99 -9.14 -22.89
C SER B 308 0.89 -10.13 -22.49
N GLN B 309 -0.32 -9.77 -22.89
CA GLN B 309 -1.53 -10.58 -22.87
C GLN B 309 -1.35 -12.10 -22.98
N TYR B 310 -2.31 -12.85 -22.45
CA TYR B 310 -2.38 -14.29 -22.71
C TYR B 310 -2.92 -14.53 -24.12
N ASP B 311 -2.05 -14.99 -25.01
CA ASP B 311 -2.44 -15.23 -26.39
C ASP B 311 -1.59 -16.34 -27.01
N PRO B 312 -2.07 -17.59 -26.89
CA PRO B 312 -1.38 -18.77 -27.41
C PRO B 312 -1.15 -18.72 -28.92
N GLN B 313 -2.15 -18.24 -29.67
CA GLN B 313 -2.05 -18.15 -31.11
C GLN B 313 -0.92 -17.22 -31.53
N LYS B 314 -0.83 -16.07 -30.87
CA LYS B 314 0.21 -15.10 -31.16
C LYS B 314 1.58 -15.66 -30.77
N ALA B 315 1.60 -16.46 -29.70
CA ALA B 315 2.82 -17.13 -29.29
C ALA B 315 3.27 -18.13 -30.33
N LYS B 316 2.34 -18.98 -30.76
CA LYS B 316 2.59 -19.94 -31.83
C LYS B 316 3.15 -19.27 -33.08
N ALA B 317 2.41 -18.29 -33.59
CA ALA B 317 2.78 -17.59 -34.82
C ALA B 317 4.15 -16.93 -34.70
N LEU B 318 4.45 -16.39 -33.52
CA LEU B 318 5.73 -15.74 -33.27
C LEU B 318 6.88 -16.76 -33.33
N LEU B 319 6.60 -17.98 -32.89
CA LEU B 319 7.59 -19.05 -32.94
C LEU B 319 7.82 -19.52 -34.38
N GLU B 320 6.71 -19.76 -35.08
CA GLU B 320 6.75 -20.12 -36.50
C GLU B 320 7.61 -19.17 -37.32
N LYS B 321 7.39 -17.88 -37.08
CA LYS B 321 8.12 -16.81 -37.76
C LYS B 321 9.62 -16.87 -37.44
N ALA B 322 9.94 -17.40 -36.27
CA ALA B 322 11.33 -17.48 -35.82
C ALA B 322 12.01 -18.75 -36.33
N GLY B 323 11.22 -19.70 -36.83
CA GLY B 323 11.76 -20.92 -37.37
C GLY B 323 11.26 -22.18 -36.66
N TRP B 324 10.86 -22.02 -35.40
CA TRP B 324 10.42 -23.14 -34.59
C TRP B 324 9.09 -23.69 -35.09
N THR B 325 9.17 -24.82 -35.79
CA THR B 325 8.00 -25.42 -36.42
C THR B 325 7.70 -26.83 -35.90
N LEU B 326 6.46 -27.26 -36.08
CA LEU B 326 6.05 -28.61 -35.72
C LEU B 326 6.33 -29.59 -36.84
N PRO B 327 7.17 -30.60 -36.57
CA PRO B 327 7.28 -31.71 -37.52
C PRO B 327 6.00 -32.54 -37.51
N ALA B 328 5.77 -33.33 -38.55
CA ALA B 328 4.52 -34.06 -38.71
C ALA B 328 4.23 -35.01 -37.55
N GLY B 329 3.11 -34.77 -36.87
CA GLY B 329 2.66 -35.63 -35.79
C GLY B 329 3.21 -35.26 -34.43
N LYS B 330 4.14 -34.32 -34.40
CA LYS B 330 4.80 -33.94 -33.15
C LYS B 330 4.13 -32.75 -32.46
N ASP B 331 4.31 -32.66 -31.15
CA ASP B 331 3.79 -31.55 -30.36
C ASP B 331 4.85 -30.49 -30.11
N ILE B 332 6.11 -30.92 -30.07
CA ILE B 332 7.21 -30.03 -29.72
C ILE B 332 7.91 -29.47 -30.96
N ARG B 333 8.16 -28.17 -30.95
CA ARG B 333 8.75 -27.48 -32.09
C ARG B 333 10.24 -27.73 -32.24
N GLU B 334 10.72 -27.68 -33.48
CA GLU B 334 12.14 -27.83 -33.76
C GLU B 334 12.67 -26.75 -34.69
N LYS B 335 13.95 -26.43 -34.54
CA LYS B 335 14.63 -25.49 -35.40
C LYS B 335 16.09 -25.93 -35.54
N ASN B 336 16.49 -26.24 -36.77
CA ASN B 336 17.84 -26.73 -37.07
C ASN B 336 18.14 -28.03 -36.31
N GLY B 337 17.10 -28.84 -36.11
CA GLY B 337 17.26 -30.14 -35.47
C GLY B 337 16.89 -30.20 -34.00
N GLN B 338 17.21 -29.14 -33.26
CA GLN B 338 16.97 -29.12 -31.82
C GLN B 338 15.51 -28.84 -31.48
N PRO B 339 14.99 -29.56 -30.48
CA PRO B 339 13.63 -29.33 -29.97
C PRO B 339 13.53 -28.02 -29.20
N LEU B 340 12.34 -27.45 -29.11
CA LEU B 340 12.14 -26.27 -28.29
C LEU B 340 11.98 -26.70 -26.84
N ARG B 341 13.10 -27.12 -26.24
CA ARG B 341 13.10 -27.62 -24.88
C ARG B 341 13.83 -26.65 -23.96
N ILE B 342 13.12 -26.21 -22.92
CA ILE B 342 13.68 -25.22 -21.99
C ILE B 342 13.67 -25.75 -20.57
N GLU B 343 14.77 -25.53 -19.85
CA GLU B 343 14.93 -26.04 -18.49
C GLU B 343 14.48 -25.04 -17.43
N LEU B 344 13.43 -25.40 -16.70
CA LEU B 344 12.99 -24.62 -15.54
C LEU B 344 13.47 -25.28 -14.27
N SER B 345 14.53 -24.76 -13.69
CA SER B 345 15.02 -25.32 -12.43
C SER B 345 14.51 -24.52 -11.24
N PHE B 346 14.09 -25.26 -10.21
CA PHE B 346 13.46 -24.67 -9.04
C PHE B 346 13.75 -25.57 -7.85
N ILE B 347 13.49 -25.09 -6.65
CA ILE B 347 13.66 -25.92 -5.45
C ILE B 347 12.59 -27.01 -5.45
N GLY B 348 13.03 -28.25 -5.62
CA GLY B 348 12.12 -29.38 -5.76
C GLY B 348 11.16 -29.60 -4.60
N THR B 349 11.63 -29.33 -3.39
CA THR B 349 10.82 -29.53 -2.20
C THR B 349 9.87 -28.36 -1.93
N ASP B 350 9.97 -27.33 -2.75
CA ASP B 350 9.06 -26.19 -2.64
C ASP B 350 7.77 -26.51 -3.39
N ALA B 351 6.70 -26.77 -2.64
CA ALA B 351 5.43 -27.20 -3.22
C ALA B 351 4.81 -26.13 -4.12
N LEU B 352 4.97 -24.87 -3.75
CA LEU B 352 4.38 -23.77 -4.50
C LEU B 352 5.11 -23.52 -5.82
N SER B 353 6.44 -23.56 -5.77
CA SER B 353 7.25 -23.42 -6.98
C SER B 353 6.92 -24.55 -7.94
N LYS B 354 6.81 -25.76 -7.40
CA LYS B 354 6.46 -26.94 -8.17
C LYS B 354 5.09 -26.80 -8.82
N SER B 355 4.12 -26.33 -8.05
CA SER B 355 2.75 -26.16 -8.54
CA SER B 355 2.75 -26.17 -8.55
C SER B 355 2.67 -25.13 -9.65
N MET B 356 3.50 -24.09 -9.54
CA MET B 356 3.55 -23.04 -10.56
C MET B 356 4.33 -23.51 -11.78
N ALA B 357 5.40 -24.25 -11.54
CA ALA B 357 6.23 -24.77 -12.63
C ALA B 357 5.43 -25.70 -13.54
N GLU B 358 4.54 -26.49 -12.94
CA GLU B 358 3.69 -27.40 -13.70
C GLU B 358 2.73 -26.65 -14.60
N ILE B 359 2.03 -25.68 -14.02
CA ILE B 359 1.06 -24.87 -14.76
C ILE B 359 1.75 -24.12 -15.89
N ILE B 360 2.95 -23.62 -15.61
CA ILE B 360 3.78 -22.98 -16.62
C ILE B 360 4.17 -23.99 -17.70
N GLN B 361 4.50 -25.20 -17.28
CA GLN B 361 4.87 -26.26 -18.21
C GLN B 361 3.69 -26.63 -19.11
N ALA B 362 2.52 -26.77 -18.52
CA ALA B 362 1.32 -27.11 -19.27
C ALA B 362 0.96 -26.01 -20.26
N ASP B 363 0.99 -24.77 -19.78
CA ASP B 363 0.66 -23.61 -20.61
C ASP B 363 1.58 -23.50 -21.82
N MET B 364 2.87 -23.78 -21.62
CA MET B 364 3.87 -23.58 -22.66
C MET B 364 3.96 -24.74 -23.65
N ARG B 365 3.30 -25.85 -23.32
CA ARG B 365 3.30 -26.99 -24.22
C ARG B 365 2.29 -26.78 -25.35
N GLN B 366 1.26 -25.99 -25.06
CA GLN B 366 0.23 -25.68 -26.05
C GLN B 366 0.82 -24.94 -27.25
N ILE B 367 1.84 -24.12 -27.00
CA ILE B 367 2.47 -23.37 -28.07
C ILE B 367 3.67 -24.13 -28.65
N GLY B 368 3.85 -25.37 -28.19
CA GLY B 368 4.88 -26.24 -28.73
C GLY B 368 6.25 -26.07 -28.10
N ALA B 369 6.28 -25.70 -26.81
CA ALA B 369 7.54 -25.58 -26.09
C ALA B 369 7.60 -26.61 -24.98
N ASP B 370 8.69 -27.37 -24.93
CA ASP B 370 8.86 -28.43 -23.95
C ASP B 370 9.62 -27.92 -22.72
N VAL B 371 8.89 -27.74 -21.62
CA VAL B 371 9.50 -27.24 -20.40
C VAL B 371 9.96 -28.39 -19.50
N SER B 372 11.27 -28.44 -19.23
CA SER B 372 11.83 -29.46 -18.38
C SER B 372 11.85 -29.03 -16.91
N LEU B 373 11.09 -29.72 -16.07
CA LEU B 373 11.02 -29.41 -14.65
C LEU B 373 12.25 -29.94 -13.90
N ILE B 374 13.23 -29.08 -13.67
CA ILE B 374 14.44 -29.47 -12.97
C ILE B 374 14.38 -29.13 -11.49
N GLY B 375 13.76 -30.00 -10.70
CA GLY B 375 13.67 -29.77 -9.27
C GLY B 375 14.94 -30.21 -8.57
N GLU B 376 15.52 -29.31 -7.77
CA GLU B 376 16.76 -29.60 -7.06
C GLU B 376 16.74 -29.01 -5.65
N GLU B 377 17.82 -29.26 -4.90
CA GLU B 377 17.96 -28.72 -3.55
C GLU B 377 18.24 -27.22 -3.62
N GLU B 378 18.11 -26.55 -2.49
CA GLU B 378 18.28 -25.09 -2.46
C GLU B 378 19.68 -24.66 -2.87
N SER B 379 20.69 -25.29 -2.28
CA SER B 379 22.08 -24.93 -2.53
C SER B 379 22.46 -25.10 -4.00
N SER B 380 21.87 -26.09 -4.65
CA SER B 380 22.12 -26.34 -6.07
CA SER B 380 22.13 -26.33 -6.06
C SER B 380 21.49 -25.25 -6.93
N ILE B 381 20.32 -24.77 -6.51
CA ILE B 381 19.61 -23.75 -7.26
C ILE B 381 20.33 -22.41 -7.23
N TYR B 382 20.77 -21.98 -6.05
CA TYR B 382 21.50 -20.71 -5.94
C TYR B 382 22.84 -20.79 -6.67
N ALA B 383 23.41 -21.99 -6.69
CA ALA B 383 24.63 -22.22 -7.45
C ALA B 383 24.36 -22.06 -8.93
N ARG B 384 23.21 -22.54 -9.38
CA ARG B 384 22.77 -22.37 -10.76
C ARG B 384 22.59 -20.89 -11.12
N GLN B 385 21.91 -20.16 -10.23
CA GLN B 385 21.63 -18.75 -10.44
C GLN B 385 22.90 -17.94 -10.60
N ARG B 386 23.87 -18.18 -9.71
CA ARG B 386 25.08 -17.37 -9.66
C ARG B 386 26.09 -17.75 -10.74
N ASP B 387 26.04 -19.00 -11.22
CA ASP B 387 26.94 -19.41 -12.28
CA ASP B 387 26.91 -19.47 -12.28
C ASP B 387 26.26 -19.30 -13.64
N GLY B 388 24.95 -19.04 -13.63
CA GLY B 388 24.18 -18.87 -14.86
C GLY B 388 23.77 -20.17 -15.50
N ARG B 389 23.76 -21.25 -14.73
CA ARG B 389 23.44 -22.57 -15.28
C ARG B 389 21.94 -22.85 -15.28
N PHE B 390 21.19 -22.08 -16.07
CA PHE B 390 19.74 -22.22 -16.11
C PHE B 390 19.14 -21.68 -17.40
N GLY B 391 17.99 -22.22 -17.77
CA GLY B 391 17.22 -21.71 -18.89
C GLY B 391 16.18 -20.72 -18.40
N MET B 392 15.34 -21.19 -17.48
CA MET B 392 14.37 -20.33 -16.80
C MET B 392 14.48 -20.52 -15.29
N ILE B 393 14.31 -19.44 -14.54
CA ILE B 393 14.41 -19.49 -13.09
C ILE B 393 13.29 -18.68 -12.42
N PHE B 394 12.78 -19.18 -11.29
CA PHE B 394 11.89 -18.40 -10.45
C PHE B 394 12.71 -17.29 -9.79
N HIS B 395 12.15 -16.09 -9.76
CA HIS B 395 12.87 -14.96 -9.22
C HIS B 395 11.88 -13.98 -8.60
N ARG B 396 12.38 -12.99 -7.87
CA ARG B 396 11.50 -11.97 -7.32
C ARG B 396 12.24 -10.66 -7.13
N THR B 397 11.48 -9.57 -7.06
CA THR B 397 12.04 -8.28 -6.67
C THR B 397 11.98 -8.18 -5.16
N TRP B 398 12.49 -7.08 -4.61
CA TRP B 398 12.85 -7.06 -3.19
C TRP B 398 11.97 -6.18 -2.31
N GLY B 399 10.90 -5.63 -2.87
CA GLY B 399 10.00 -4.80 -2.10
C GLY B 399 10.60 -3.47 -1.72
N ALA B 400 9.92 -2.74 -0.83
CA ALA B 400 10.39 -1.44 -0.39
C ALA B 400 11.38 -1.59 0.75
N PRO B 401 12.40 -0.71 0.81
CA PRO B 401 12.68 0.34 -0.18
C PRO B 401 13.72 -0.05 -1.21
N TYR B 402 13.79 -1.33 -1.57
CA TYR B 402 14.78 -1.80 -2.55
C TYR B 402 14.37 -1.49 -3.98
N ASP B 403 13.06 -1.61 -4.25
CA ASP B 403 12.55 -1.49 -5.61
C ASP B 403 12.30 -0.04 -5.98
N PRO B 404 12.84 0.41 -7.12
CA PRO B 404 13.63 -0.38 -8.08
C PRO B 404 15.15 -0.22 -7.94
N HIS B 405 15.56 0.88 -7.31
CA HIS B 405 16.97 1.27 -7.32
CA HIS B 405 16.97 1.30 -7.18
C HIS B 405 17.95 0.17 -6.86
N ALA B 406 17.68 -0.50 -5.74
CA ALA B 406 18.62 -1.51 -5.25
C ALA B 406 18.63 -2.74 -6.14
N PHE B 407 17.44 -3.18 -6.53
CA PHE B 407 17.31 -4.35 -7.38
C PHE B 407 18.02 -4.11 -8.71
N LEU B 408 17.91 -2.89 -9.23
CA LEU B 408 18.58 -2.51 -10.46
C LEU B 408 20.09 -2.47 -10.29
N SER B 409 20.53 -1.93 -9.14
CA SER B 409 21.95 -1.83 -8.84
C SER B 409 22.64 -3.20 -8.91
N SER B 410 22.05 -4.18 -8.23
CA SER B 410 22.63 -5.52 -8.12
C SER B 410 22.64 -6.29 -9.44
N MET B 411 21.97 -5.76 -10.46
CA MET B 411 21.95 -6.41 -11.77
C MET B 411 23.33 -6.36 -12.41
N ARG B 412 24.15 -5.42 -11.98
CA ARG B 412 25.48 -5.25 -12.52
C ARG B 412 26.46 -6.28 -11.98
N VAL B 413 26.23 -6.78 -10.77
CA VAL B 413 27.17 -7.68 -10.11
C VAL B 413 27.11 -9.06 -10.75
N PRO B 414 28.25 -9.54 -11.24
CA PRO B 414 28.38 -10.79 -12.02
C PRO B 414 27.85 -12.06 -11.36
N SER B 415 27.68 -12.10 -10.04
CA SER B 415 27.39 -13.37 -9.39
C SER B 415 25.97 -13.49 -8.77
N HIS B 416 25.02 -12.69 -9.22
CA HIS B 416 23.61 -13.00 -8.96
C HIS B 416 22.86 -13.31 -10.27
N ALA B 417 21.61 -13.72 -10.12
CA ALA B 417 20.82 -14.27 -11.21
C ALA B 417 20.53 -13.26 -12.33
N ASP B 418 20.34 -12.00 -11.97
CA ASP B 418 19.92 -10.98 -12.94
C ASP B 418 21.01 -10.67 -13.96
N PHE B 419 22.25 -10.56 -13.49
CA PHE B 419 23.40 -10.37 -14.37
C PHE B 419 23.48 -11.52 -15.36
N GLN B 420 23.38 -12.74 -14.83
CA GLN B 420 23.53 -13.96 -15.62
C GLN B 420 22.47 -14.07 -16.71
N ALA B 421 21.23 -13.75 -16.36
CA ALA B 421 20.11 -13.87 -17.30
C ALA B 421 20.22 -12.85 -18.43
N GLN B 422 20.99 -11.79 -18.20
CA GLN B 422 21.07 -10.69 -19.16
C GLN B 422 22.27 -10.79 -20.10
N GLN B 423 23.20 -11.69 -19.79
CA GLN B 423 24.48 -11.78 -20.50
C GLN B 423 24.35 -11.82 -22.02
N GLY B 424 23.29 -12.46 -22.51
CA GLY B 424 23.08 -12.59 -23.93
C GLY B 424 22.54 -11.34 -24.62
N LEU B 425 22.39 -10.26 -23.87
CA LEU B 425 21.90 -9.00 -24.41
C LEU B 425 23.02 -8.17 -25.01
N ALA B 426 22.76 -7.60 -26.18
CA ALA B 426 23.75 -6.73 -26.82
C ALA B 426 23.90 -5.42 -26.06
N ASP B 427 22.81 -4.97 -25.45
CA ASP B 427 22.80 -3.66 -24.80
C ASP B 427 22.96 -3.76 -23.28
N LYS B 428 23.36 -4.95 -22.82
CA LYS B 428 23.62 -5.17 -21.40
C LYS B 428 24.69 -4.23 -20.80
N PRO B 429 25.83 -4.04 -21.48
CA PRO B 429 26.79 -3.10 -20.89
C PRO B 429 26.26 -1.68 -20.86
N LEU B 430 25.47 -1.31 -21.86
CA LEU B 430 24.82 0.00 -21.89
C LEU B 430 23.84 0.14 -20.73
N ILE B 431 23.10 -0.93 -20.46
CA ILE B 431 22.17 -0.96 -19.33
C ILE B 431 22.94 -0.79 -18.01
N ASP B 432 23.95 -1.61 -17.81
CA ASP B 432 24.78 -1.54 -16.60
C ASP B 432 25.44 -0.18 -16.45
N LYS B 433 25.79 0.44 -17.57
CA LYS B 433 26.36 1.78 -17.57
C LYS B 433 25.33 2.78 -17.06
N GLU B 434 24.13 2.75 -17.64
CA GLU B 434 23.06 3.65 -17.24
C GLU B 434 22.61 3.42 -15.81
N ILE B 435 22.60 2.16 -15.37
CA ILE B 435 22.24 1.81 -14.00
C ILE B 435 23.17 2.53 -13.02
N GLY B 436 24.45 2.60 -13.37
CA GLY B 436 25.41 3.34 -12.55
C GLY B 436 25.13 4.83 -12.54
N GLU B 437 24.72 5.36 -13.68
CA GLU B 437 24.50 6.80 -13.83
C GLU B 437 23.27 7.30 -13.07
N VAL B 438 22.18 6.52 -13.11
CA VAL B 438 20.93 6.95 -12.50
C VAL B 438 21.03 6.99 -10.97
N LEU B 439 21.94 6.20 -10.42
CA LEU B 439 22.14 6.15 -8.97
C LEU B 439 22.90 7.39 -8.48
N ALA B 440 23.81 7.88 -9.31
CA ALA B 440 24.72 8.95 -8.90
C ALA B 440 24.23 10.34 -9.30
N THR B 441 23.34 10.41 -10.29
CA THR B 441 22.89 11.69 -10.81
C THR B 441 21.89 12.37 -9.88
N HIS B 442 21.97 13.70 -9.80
CA HIS B 442 21.02 14.47 -9.01
C HIS B 442 20.10 15.28 -9.92
N ASP B 443 20.24 15.05 -11.22
CA ASP B 443 19.32 15.61 -12.19
C ASP B 443 18.11 14.68 -12.24
N GLU B 444 17.00 15.13 -11.68
CA GLU B 444 15.78 14.33 -11.60
C GLU B 444 15.23 13.95 -12.96
N THR B 445 15.29 14.88 -13.90
CA THR B 445 14.66 14.70 -15.21
C THR B 445 15.26 13.53 -15.98
N GLN B 446 16.58 13.40 -15.99
CA GLN B 446 17.18 12.29 -16.72
C GLN B 446 17.35 11.07 -15.81
N ARG B 447 17.28 11.28 -14.50
CA ARG B 447 17.17 10.15 -13.58
C ARG B 447 15.95 9.33 -13.94
N GLN B 448 14.83 10.03 -14.16
CA GLN B 448 13.60 9.39 -14.59
C GLN B 448 13.73 8.90 -16.03
N ALA B 449 14.45 9.65 -16.85
CA ALA B 449 14.68 9.25 -18.23
C ALA B 449 15.56 8.01 -18.30
N LEU B 450 16.49 7.89 -17.36
CA LEU B 450 17.32 6.71 -17.26
C LEU B 450 16.50 5.52 -16.78
N TYR B 451 15.74 5.72 -15.70
CA TYR B 451 14.86 4.68 -15.17
C TYR B 451 13.88 4.20 -16.22
N ARG B 452 13.45 5.11 -17.09
CA ARG B 452 12.58 4.74 -18.20
C ARG B 452 13.30 3.85 -19.20
N ASP B 453 14.48 4.28 -19.64
CA ASP B 453 15.24 3.55 -20.65
C ASP B 453 15.63 2.16 -20.17
N ILE B 454 16.18 2.11 -18.96
CA ILE B 454 16.58 0.83 -18.34
C ILE B 454 15.42 -0.15 -18.28
N LEU B 455 14.29 0.28 -17.72
CA LEU B 455 13.14 -0.59 -17.55
C LEU B 455 12.47 -0.92 -18.88
N THR B 456 12.47 0.04 -19.80
CA THR B 456 11.89 -0.17 -21.12
C THR B 456 12.66 -1.23 -21.91
N ARG B 457 13.98 -1.12 -21.89
CA ARG B 457 14.83 -2.09 -22.58
C ARG B 457 14.59 -3.49 -22.02
N LEU B 458 14.68 -3.63 -20.70
CA LEU B 458 14.44 -4.90 -20.03
C LEU B 458 13.08 -5.47 -20.38
N HIS B 459 12.08 -4.60 -20.47
CA HIS B 459 10.73 -5.01 -20.84
C HIS B 459 10.69 -5.42 -22.31
N ASP B 460 11.32 -4.62 -23.16
CA ASP B 460 11.33 -4.89 -24.59
C ASP B 460 12.18 -6.11 -24.95
N GLU B 461 13.21 -6.38 -24.16
CA GLU B 461 14.07 -7.52 -24.41
C GLU B 461 13.51 -8.80 -23.79
N ALA B 462 12.32 -8.70 -23.19
CA ALA B 462 11.64 -9.84 -22.58
C ALA B 462 12.56 -10.66 -21.70
N VAL B 463 13.41 -9.97 -20.94
CA VAL B 463 14.36 -10.60 -20.04
C VAL B 463 13.63 -11.41 -18.97
N TYR B 464 12.45 -10.93 -18.61
CA TYR B 464 11.67 -11.56 -17.55
C TYR B 464 10.28 -11.97 -18.01
N LEU B 465 9.68 -12.88 -17.26
CA LEU B 465 8.29 -13.24 -17.46
C LEU B 465 7.54 -12.96 -16.17
N PRO B 466 7.07 -11.72 -16.00
CA PRO B 466 6.35 -11.31 -14.79
C PRO B 466 5.11 -12.17 -14.57
N ILE B 467 4.98 -12.72 -13.37
CA ILE B 467 3.85 -13.60 -13.08
C ILE B 467 2.80 -12.89 -12.24
N SER B 468 3.21 -12.41 -11.08
CA SER B 468 2.28 -11.77 -10.16
C SER B 468 2.95 -10.80 -9.21
N TYR B 469 2.16 -9.91 -8.63
CA TYR B 469 2.61 -9.07 -7.53
C TYR B 469 2.06 -9.64 -6.24
N ILE B 470 2.95 -10.05 -5.35
CA ILE B 470 2.54 -10.77 -4.15
C ILE B 470 2.42 -9.86 -2.93
N SER B 471 1.68 -10.33 -1.93
CA SER B 471 1.41 -9.56 -0.73
C SER B 471 1.92 -10.24 0.52
N MET B 472 1.93 -9.50 1.64
CA MET B 472 2.21 -10.09 2.94
C MET B 472 0.97 -10.79 3.46
N MET B 473 1.15 -11.95 4.07
CA MET B 473 0.04 -12.71 4.60
C MET B 473 0.13 -12.88 6.12
N VAL B 474 -0.97 -12.63 6.80
CA VAL B 474 -1.00 -12.74 8.26
C VAL B 474 -2.10 -13.70 8.72
N VAL B 475 -1.69 -14.76 9.42
CA VAL B 475 -2.63 -15.69 10.02
C VAL B 475 -2.42 -15.71 11.52
N SER B 476 -3.43 -15.32 12.28
CA SER B 476 -3.27 -15.10 13.71
C SER B 476 -4.50 -15.45 14.54
N LYS B 477 -4.27 -15.68 15.83
CA LYS B 477 -5.35 -15.81 16.79
C LYS B 477 -6.03 -14.44 16.91
N PRO B 478 -7.36 -14.41 16.74
CA PRO B 478 -8.18 -13.18 16.75
C PRO B 478 -7.93 -12.30 17.96
N GLU B 479 -7.50 -12.91 19.06
CA GLU B 479 -7.16 -12.19 20.29
C GLU B 479 -6.12 -11.10 20.05
N LEU B 480 -5.19 -11.37 19.13
CA LEU B 480 -4.07 -10.48 18.88
C LEU B 480 -4.49 -9.21 18.14
N GLY B 481 -5.72 -9.21 17.63
CA GLY B 481 -6.26 -8.05 16.94
C GLY B 481 -5.71 -7.86 15.55
N ASN B 482 -5.79 -6.64 15.03
CA ASN B 482 -5.28 -6.32 13.71
C ASN B 482 -3.79 -6.05 13.74
N ILE B 483 -3.03 -6.87 13.03
CA ILE B 483 -1.58 -6.78 13.03
C ILE B 483 -1.06 -5.92 11.87
N PRO B 484 -0.31 -4.87 12.19
CA PRO B 484 0.20 -3.92 11.19
C PRO B 484 1.34 -4.50 10.36
N TYR B 485 1.66 -3.83 9.25
CA TYR B 485 2.77 -4.24 8.39
C TYR B 485 3.95 -3.30 8.56
N ALA B 486 5.15 -3.86 8.60
CA ALA B 486 6.36 -3.05 8.61
C ALA B 486 6.62 -2.49 7.23
N PRO B 487 7.08 -1.24 7.16
CA PRO B 487 7.41 -0.57 5.89
C PRO B 487 8.41 -1.35 5.05
N ILE B 488 9.35 -2.03 5.71
CA ILE B 488 10.29 -2.89 5.01
C ILE B 488 9.74 -4.32 4.95
N ALA B 489 9.71 -4.89 3.75
CA ALA B 489 9.05 -6.16 3.49
C ALA B 489 9.58 -7.32 4.33
N THR B 490 10.88 -7.33 4.57
CA THR B 490 11.50 -8.45 5.26
C THR B 490 11.48 -8.31 6.79
N GLU B 491 10.95 -7.19 7.27
CA GLU B 491 10.83 -6.96 8.71
C GLU B 491 9.45 -7.32 9.25
N ILE B 492 9.41 -7.81 10.48
CA ILE B 492 8.15 -8.10 11.16
C ILE B 492 8.02 -7.20 12.38
N PRO B 493 6.95 -6.39 12.44
CA PRO B 493 6.76 -5.40 13.50
C PRO B 493 6.19 -5.99 14.80
N PHE B 494 6.99 -6.81 15.47
CA PHE B 494 6.56 -7.42 16.72
C PHE B 494 6.33 -6.40 17.83
N GLU B 495 7.02 -5.27 17.75
CA GLU B 495 6.99 -4.27 18.82
C GLU B 495 5.67 -3.51 18.89
N GLN B 496 4.88 -3.57 17.83
CA GLN B 496 3.60 -2.88 17.80
C GLN B 496 2.44 -3.84 18.00
N ILE B 497 2.76 -5.10 18.29
CA ILE B 497 1.73 -6.10 18.57
C ILE B 497 1.35 -6.09 20.04
N LYS B 498 0.06 -5.97 20.31
CA LYS B 498 -0.43 -5.92 21.68
C LYS B 498 -1.54 -6.96 21.89
N PRO B 499 -1.38 -7.82 22.91
CA PRO B 499 -2.34 -8.89 23.20
C PRO B 499 -3.69 -8.35 23.66
FE FE C . -17.97 14.13 2.94
CAR 9YK D . -14.50 12.42 1.12
CAS 9YK D . -15.59 12.38 1.99
OAY 9YK D . -16.73 13.10 1.69
CAQ 9YK D . -13.36 11.70 1.41
CAE 9YK D . -13.29 10.93 2.57
CAF 9YK D . -14.37 10.89 3.44
CAG 9YK D . -15.53 11.61 3.17
CAH 9YK D . -16.70 11.55 4.13
N 9YK D . -17.04 12.90 4.61
CA 9YK D . -15.96 13.44 5.42
C 9YK D . -15.86 14.91 5.20
OXT 9YK D . -15.20 15.44 6.13
O 9YK D . -16.47 15.22 4.15
CAJ 9YK D . -18.30 12.92 5.39
CAK 9YK D . -19.39 12.08 4.75
NAL 9YK D . -19.74 12.56 3.38
CAT 9YK D . -20.51 11.59 2.63
CAZ 9YK D . -19.79 11.22 1.38
OBD 9YK D . -20.42 10.33 0.75
OBA 9YK D . -18.74 11.92 1.26
CAM 9YK D . -20.31 13.91 3.24
CAN 9YK D . -21.02 14.58 4.44
CAO 9YK D . -22.07 13.95 5.13
CAP 9YK D . -22.68 14.59 6.21
CAW 9YK D . -22.26 15.86 6.60
CAV 9YK D . -21.24 16.51 5.91
CAU 9YK D . -20.62 15.86 4.83
SBB 9YK D . -19.31 16.67 3.96
CBE 9YK D . -19.95 17.41 2.48
C1 GOL E . -18.58 15.31 -0.94
O1 GOL E . -18.40 14.00 -1.44
C2 GOL E . -17.23 16.02 -0.85
O2 GOL E . -16.21 15.14 -1.24
C3 GOL E . -16.97 16.48 0.57
O3 GOL E . -17.04 15.39 1.46
C1 GOL F . -5.34 1.45 23.73
O1 GOL F . -5.92 0.53 24.64
C2 GOL F . -3.83 1.50 23.93
O2 GOL F . -3.35 2.82 23.90
C3 GOL F . -3.44 0.84 25.26
O3 GOL F . -3.52 -0.56 25.11
FE FE G . 19.70 -11.18 -0.22
CAR 9YK H . 15.55 -10.53 0.61
CAS 9YK H . 16.70 -10.20 -0.08
OAY 9YK H . 17.63 -11.18 -0.38
CAQ 9YK H . 14.61 -9.55 0.93
CAE 9YK H . 14.83 -8.23 0.54
CAF 9YK H . 15.99 -7.89 -0.15
CAG 9YK H . 16.94 -8.86 -0.46
CAH 9YK H . 18.18 -8.46 -1.22
N 9YK H . 19.42 -8.92 -0.59
CA 9YK H . 19.74 -8.10 0.57
C 9YK H . 20.07 -8.96 1.76
OXT 9YK H . 20.37 -8.22 2.74
O 9YK H . 19.94 -10.17 1.48
CAJ 9YK H . 20.50 -8.77 -1.61
CAK 9YK H . 21.81 -9.36 -1.12
NAL 9YK H . 21.76 -10.85 -1.07
CAT 9YK H . 22.12 -11.43 -2.34
CAZ 9YK H . 20.89 -11.77 -3.12
OBD 9YK H . 21.17 -11.91 -4.34
OBA 9YK H . 19.89 -11.81 -2.36
CAM 9YK H . 22.56 -11.35 0.06
CAN 9YK H . 24.06 -11.52 -0.26
CAO 9YK H . 24.89 -10.40 -0.41
CAP 9YK H . 26.25 -10.56 -0.69
CAW 9YK H . 26.80 -11.82 -0.82
CAV 9YK H . 26.00 -12.94 -0.65
CAU 9YK H . 24.63 -12.80 -0.37
SBB 9YK H . 23.64 -14.25 -0.19
CBE 9YK H . 24.71 -15.65 0.04
C1 GOL I . 17.87 -14.54 1.73
O1 GOL I . 18.97 -14.03 1.01
C2 GOL I . 18.10 -16.01 2.05
O2 GOL I . 19.38 -16.41 1.61
C3 GOL I . 17.99 -16.23 3.56
O3 GOL I . 18.36 -17.55 3.89
C1 GOL J . 40.05 2.87 0.90
O1 GOL J . 40.49 4.16 0.57
C2 GOL J . 39.93 2.75 2.41
O2 GOL J . 38.76 2.03 2.74
C3 GOL J . 41.14 1.99 2.96
O3 GOL J . 40.79 0.65 3.20
#